data_8DL5
#
_entry.id   8DL5
#
_cell.length_a   77.837
_cell.length_b   77.837
_cell.length_c   298.842
_cell.angle_alpha   90.000
_cell.angle_beta   90.000
_cell.angle_gamma   120.000
#
_symmetry.space_group_name_H-M   'P 31 2 1'
#
loop_
_entity.id
_entity.type
_entity.pdbx_description
1 polymer 'Aminotransferase, class V/Cysteine desulfurase'
2 non-polymer GLYCEROL
3 water water
#
_entity_poly.entity_id   1
_entity_poly.type   'polypeptide(L)'
_entity_poly.pdbx_seq_one_letter_code
;MGSSHHHHHHSSGLVPRGSHMHMPALPLSENEGWKRPTTPFGKPMLKHFCMNPEYRNLNAPSCGSWPKTVRDQWRRYLDD
LEAQPDYFSEVKQGPVIQEARREVAQLLHARVSECVFISNATTGIYTVLHNIPFDKDDVIITFSTTYGAIDNAIASMAET
QPFQTRKVTVDLPMRGEDIVARFEGMVAQIKAEGLHPRLAVLETIVSIPAIRMPFESLVQACQREGVLSLVDGAHSIGQF
SLNLEVLQPDFFIMDCH(LLP)WLFVPRPCAALYVPERNQHYIRSTIPPSFGFIPRDGKPALPLWSKQSGGGSSGSTATD
FETIFAYVATSDNMPHMCIPTALKFRREVCGGEEAIYQYLRVLAKEGGDRVAAILGTEVLDEKPAGEYKSQRTPSEMRDC
GIATVRLPLAVSSSLKPPPHSGTPYSPLSDEEVGPAVHYLSMTLAETHKTWLPLIDHGGYIWVRLCAQIYLDTSDFEWIG
NVLKEICETIGKKGHVISKH
;
_entity_poly.pdbx_strand_id   A,B
#
# COMPACT_ATOMS: atom_id res chain seq x y z
N THR A 38 -0.55 30.46 -19.84
CA THR A 38 0.24 31.36 -19.00
C THR A 38 1.74 31.17 -19.22
N THR A 39 2.28 30.01 -18.85
CA THR A 39 3.72 29.89 -19.00
C THR A 39 4.06 29.03 -20.21
N PRO A 40 5.00 29.48 -21.05
CA PRO A 40 5.38 28.66 -22.22
C PRO A 40 6.04 27.36 -21.79
N PHE A 41 5.78 26.31 -22.57
CA PHE A 41 6.41 25.02 -22.32
C PHE A 41 7.92 25.11 -22.50
N GLY A 42 8.62 24.14 -21.93
CA GLY A 42 10.06 24.15 -21.97
C GLY A 42 10.63 24.62 -20.65
N LYS A 43 11.82 25.17 -20.72
CA LYS A 43 12.51 25.60 -19.50
C LYS A 43 11.87 26.83 -18.79
N PRO A 44 11.02 27.66 -19.43
CA PRO A 44 10.20 28.57 -18.61
C PRO A 44 9.35 27.88 -17.56
N MET A 45 8.93 26.64 -17.83
CA MET A 45 8.10 25.90 -16.88
C MET A 45 8.87 25.48 -15.64
N LEU A 46 10.20 25.42 -15.71
CA LEU A 46 11.00 24.88 -14.61
C LEU A 46 10.78 25.63 -13.30
N LYS A 47 10.50 26.94 -13.37
CA LYS A 47 10.27 27.69 -12.15
C LYS A 47 9.03 27.24 -11.40
N HIS A 48 8.12 26.53 -12.08
CA HIS A 48 6.92 26.02 -11.44
C HIS A 48 7.11 24.67 -10.77
N PHE A 49 8.28 24.05 -10.93
CA PHE A 49 8.56 22.72 -10.39
C PHE A 49 9.72 22.81 -9.39
N CYS A 50 10.04 21.68 -8.76
CA CYS A 50 10.84 21.67 -7.53
C CYS A 50 12.20 21.02 -7.69
N MET A 51 12.69 20.81 -8.91
CA MET A 51 13.97 20.13 -9.09
C MET A 51 15.12 21.10 -8.91
N ASN A 52 16.29 20.57 -8.52
CA ASN A 52 17.50 21.36 -8.54
C ASN A 52 17.75 21.90 -9.95
N PRO A 53 18.40 23.06 -10.07
CA PRO A 53 18.59 23.64 -11.41
C PRO A 53 19.32 22.74 -12.40
N GLU A 54 20.29 21.95 -11.96
CA GLU A 54 21.05 21.11 -12.87
C GLU A 54 20.44 19.74 -13.10
N TYR A 55 19.20 19.50 -12.65
CA TYR A 55 18.59 18.17 -12.73
C TYR A 55 17.71 18.08 -13.97
N ARG A 56 18.22 17.38 -15.00
CA ARG A 56 17.46 16.91 -16.15
C ARG A 56 16.61 15.69 -15.78
N ASN A 57 15.29 15.87 -15.69
CA ASN A 57 14.38 14.77 -15.36
C ASN A 57 13.79 14.20 -16.65
N LEU A 58 14.49 13.23 -17.23
CA LEU A 58 14.06 12.55 -18.45
C LEU A 58 13.38 11.22 -18.14
N ASN A 59 13.06 10.96 -16.88
CA ASN A 59 12.43 9.70 -16.45
C ASN A 59 11.40 10.02 -15.37
N ALA A 60 10.56 11.02 -15.63
CA ALA A 60 9.62 11.48 -14.63
C ALA A 60 8.58 10.47 -14.15
N PRO A 61 8.04 9.55 -14.96
CA PRO A 61 6.96 8.68 -14.46
C PRO A 61 7.36 7.79 -13.29
N SER A 62 8.65 7.52 -13.08
CA SER A 62 9.06 6.56 -12.06
C SER A 62 8.66 7.04 -10.66
N CYS A 63 9.10 8.23 -10.28
CA CYS A 63 8.71 8.84 -9.02
C CYS A 63 7.57 9.84 -9.17
N GLY A 64 7.20 10.19 -10.40
CA GLY A 64 6.34 11.32 -10.64
C GLY A 64 7.11 12.63 -10.62
N SER A 65 6.40 13.71 -10.97
CA SER A 65 6.96 15.04 -10.87
C SER A 65 5.80 16.02 -10.80
N TRP A 66 5.84 16.93 -9.82
CA TRP A 66 4.70 17.75 -9.48
C TRP A 66 5.13 19.20 -9.31
N PRO A 67 4.23 20.16 -9.62
CA PRO A 67 4.59 21.58 -9.49
C PRO A 67 4.70 22.03 -8.04
N LYS A 68 5.09 23.30 -7.84
CA LYS A 68 5.20 23.82 -6.47
C LYS A 68 3.84 23.92 -5.81
N THR A 69 2.80 24.24 -6.59
CA THR A 69 1.45 24.33 -6.04
C THR A 69 1.03 23.01 -5.39
N VAL A 70 1.40 21.89 -6.02
CA VAL A 70 1.07 20.59 -5.46
C VAL A 70 1.91 20.32 -4.21
N ARG A 71 3.20 20.64 -4.25
CA ARG A 71 4.06 20.47 -3.09
C ARG A 71 3.50 21.23 -1.88
N ASP A 72 3.15 22.49 -2.08
CA ASP A 72 2.69 23.33 -0.96
C ASP A 72 1.34 22.83 -0.42
N GLN A 73 0.46 22.37 -1.30
CA GLN A 73 -0.81 21.81 -0.83
C GLN A 73 -0.58 20.51 -0.09
N TRP A 74 0.29 19.64 -0.63
CA TRP A 74 0.67 18.41 0.06
C TRP A 74 1.12 18.68 1.48
N ARG A 75 1.96 19.71 1.66
CA ARG A 75 2.47 20.01 3.00
C ARG A 75 1.43 20.65 3.91
N ARG A 76 0.41 21.30 3.33
CA ARG A 76 -0.67 21.82 4.17
C ARG A 76 -1.53 20.69 4.71
N TYR A 77 -1.79 19.67 3.89
CA TYR A 77 -2.49 18.49 4.39
C TYR A 77 -1.69 17.80 5.49
N LEU A 78 -0.37 17.69 5.31
CA LEU A 78 0.49 17.13 6.35
C LEU A 78 0.40 17.96 7.63
N ASP A 79 0.46 19.28 7.50
CA ASP A 79 0.24 20.15 8.66
C ASP A 79 -1.09 19.84 9.32
N ASP A 80 -2.15 19.73 8.51
CA ASP A 80 -3.47 19.39 9.04
C ASP A 80 -3.45 18.06 9.76
N LEU A 81 -2.91 17.02 9.10
CA LEU A 81 -2.78 15.71 9.72
C LEU A 81 -2.07 15.81 11.05
N GLU A 82 -0.98 16.58 11.12
CA GLU A 82 -0.21 16.66 12.35
C GLU A 82 -0.93 17.50 13.40
N ALA A 83 -1.71 18.50 12.99
CA ALA A 83 -2.35 19.39 13.96
C ALA A 83 -3.53 18.72 14.65
N GLN A 84 -4.30 17.92 13.91
CA GLN A 84 -5.51 17.29 14.46
C GLN A 84 -5.74 15.97 13.71
N PRO A 85 -4.97 14.93 14.06
CA PRO A 85 -4.92 13.74 13.18
C PRO A 85 -6.26 13.10 12.90
N ASP A 86 -7.02 12.75 13.93
CA ASP A 86 -8.27 12.04 13.70
C ASP A 86 -9.34 12.94 13.10
N TYR A 87 -9.30 14.24 13.38
CA TYR A 87 -10.24 15.14 12.70
C TYR A 87 -9.94 15.23 11.21
N PHE A 88 -8.66 15.40 10.86
CA PHE A 88 -8.29 15.43 9.45
C PHE A 88 -8.69 14.15 8.74
N SER A 89 -8.45 13.00 9.37
CA SER A 89 -8.67 11.72 8.71
C SER A 89 -10.15 11.37 8.62
N GLU A 90 -10.94 11.65 9.65
CA GLU A 90 -12.31 11.18 9.71
C GLU A 90 -13.31 12.14 9.06
N VAL A 91 -13.01 13.44 9.02
CA VAL A 91 -13.95 14.44 8.54
C VAL A 91 -13.45 15.12 7.26
N LYS A 92 -12.21 15.60 7.28
CA LYS A 92 -11.70 16.44 6.20
C LYS A 92 -11.17 15.66 5.01
N GLN A 93 -10.76 14.40 5.20
CA GLN A 93 -10.09 13.66 4.13
C GLN A 93 -11.05 13.27 3.03
N GLY A 94 -12.19 12.67 3.41
CA GLY A 94 -13.17 12.15 2.48
C GLY A 94 -13.63 13.08 1.38
N PRO A 95 -14.00 14.33 1.69
CA PRO A 95 -14.50 15.21 0.61
C PRO A 95 -13.44 15.59 -0.42
N VAL A 96 -12.18 15.73 -0.02
CA VAL A 96 -11.13 15.97 -1.01
C VAL A 96 -10.94 14.74 -1.88
N ILE A 97 -10.92 13.55 -1.26
CA ILE A 97 -10.85 12.31 -2.02
C ILE A 97 -11.98 12.23 -3.03
N GLN A 98 -13.20 12.58 -2.60
CA GLN A 98 -14.34 12.48 -3.50
C GLN A 98 -14.21 13.44 -4.68
N GLU A 99 -13.71 14.64 -4.43
CA GLU A 99 -13.48 15.58 -5.53
C GLU A 99 -12.41 15.03 -6.47
N ALA A 100 -11.36 14.40 -5.93
CA ALA A 100 -10.34 13.80 -6.77
C ALA A 100 -10.92 12.70 -7.65
N ARG A 101 -11.85 11.92 -7.09
CA ARG A 101 -12.47 10.84 -7.85
C ARG A 101 -13.20 11.37 -9.08
N ARG A 102 -13.99 12.43 -8.91
CA ARG A 102 -14.77 12.91 -10.04
C ARG A 102 -13.91 13.62 -11.06
N GLU A 103 -12.84 14.29 -10.62
CA GLU A 103 -11.91 14.88 -11.57
C GLU A 103 -11.21 13.81 -12.40
N VAL A 104 -10.93 12.64 -11.79
CA VAL A 104 -10.33 11.55 -12.55
C VAL A 104 -11.36 10.91 -13.48
N ALA A 105 -12.59 10.71 -12.99
CA ALA A 105 -13.64 10.17 -13.83
C ALA A 105 -13.90 11.06 -15.04
N GLN A 106 -13.96 12.38 -14.83
CA GLN A 106 -14.15 13.30 -15.95
C GLN A 106 -13.07 13.11 -17.00
N LEU A 107 -11.81 13.12 -16.56
CA LEU A 107 -10.68 12.97 -17.47
C LEU A 107 -10.77 11.67 -18.26
N LEU A 108 -11.40 10.65 -17.69
CA LEU A 108 -11.57 9.36 -18.34
C LEU A 108 -12.85 9.25 -19.16
N HIS A 109 -13.70 10.28 -19.13
CA HIS A 109 -15.05 10.17 -19.67
C HIS A 109 -15.77 8.97 -19.06
N ALA A 110 -15.63 8.83 -17.75
CA ALA A 110 -16.20 7.75 -16.98
C ALA A 110 -17.12 8.31 -15.91
N ARG A 111 -17.96 7.43 -15.37
CA ARG A 111 -18.79 7.79 -14.23
C ARG A 111 -17.95 7.73 -12.96
N VAL A 112 -18.17 8.69 -12.06
CA VAL A 112 -17.49 8.63 -10.77
C VAL A 112 -17.78 7.31 -10.07
N SER A 113 -18.95 6.73 -10.35
CA SER A 113 -19.33 5.46 -9.75
C SER A 113 -18.53 4.29 -10.28
N GLU A 114 -17.75 4.46 -11.34
CA GLU A 114 -16.96 3.39 -11.92
C GLU A 114 -15.47 3.53 -11.61
N CYS A 115 -15.08 4.51 -10.80
CA CYS A 115 -13.68 4.83 -10.56
C CYS A 115 -13.39 4.78 -9.06
N VAL A 116 -12.44 3.93 -8.67
CA VAL A 116 -12.00 3.82 -7.28
C VAL A 116 -10.50 4.03 -7.23
N PHE A 117 -10.02 4.35 -6.03
CA PHE A 117 -8.61 4.63 -5.81
C PHE A 117 -7.92 3.44 -5.16
N ILE A 118 -6.71 3.16 -5.61
CA ILE A 118 -5.85 2.11 -5.10
C ILE A 118 -4.44 2.66 -5.06
N SER A 119 -3.53 1.94 -4.40
CA SER A 119 -2.22 2.50 -4.11
C SER A 119 -1.34 2.55 -5.35
N ASN A 120 -1.27 1.46 -6.11
CA ASN A 120 -0.45 1.43 -7.31
C ASN A 120 -1.08 0.51 -8.34
N ALA A 121 -0.50 0.53 -9.55
CA ALA A 121 -1.10 -0.20 -10.67
C ALA A 121 -0.97 -1.71 -10.48
N THR A 122 0.16 -2.17 -9.93
CA THR A 122 0.31 -3.59 -9.63
C THR A 122 -0.80 -4.09 -8.73
N THR A 123 -1.18 -3.28 -7.74
CA THR A 123 -2.27 -3.66 -6.84
C THR A 123 -3.59 -3.73 -7.59
N GLY A 124 -3.86 -2.79 -8.49
CA GLY A 124 -5.12 -2.82 -9.22
C GLY A 124 -5.22 -4.01 -10.15
N ILE A 125 -4.16 -4.26 -10.91
CA ILE A 125 -4.16 -5.39 -11.83
C ILE A 125 -4.32 -6.69 -11.06
N TYR A 126 -3.58 -6.84 -9.95
CA TYR A 126 -3.69 -8.04 -9.16
C TYR A 126 -5.07 -8.21 -8.55
N THR A 127 -5.65 -7.10 -8.05
CA THR A 127 -6.99 -7.15 -7.47
C THR A 127 -8.01 -7.72 -8.46
N VAL A 128 -7.90 -7.33 -9.73
CA VAL A 128 -8.81 -7.85 -10.75
C VAL A 128 -8.53 -9.33 -10.99
N LEU A 129 -7.26 -9.69 -11.20
CA LEU A 129 -6.92 -11.09 -11.49
C LEU A 129 -7.35 -12.01 -10.35
N HIS A 130 -7.13 -11.58 -9.10
CA HIS A 130 -7.44 -12.44 -7.97
C HIS A 130 -8.94 -12.62 -7.78
N ASN A 131 -9.76 -11.66 -8.22
CA ASN A 131 -11.19 -11.73 -8.00
C ASN A 131 -11.92 -12.53 -9.07
N ILE A 132 -11.37 -12.60 -10.28
CA ILE A 132 -12.01 -13.32 -11.38
C ILE A 132 -11.91 -14.82 -11.11
N PRO A 133 -13.04 -15.53 -10.95
CA PRO A 133 -12.97 -16.99 -10.73
C PRO A 133 -12.55 -17.71 -12.01
N PHE A 134 -11.48 -18.50 -11.92
CA PHE A 134 -10.92 -19.19 -13.07
C PHE A 134 -11.12 -20.70 -12.96
N ASP A 135 -11.37 -21.33 -14.11
CA ASP A 135 -11.65 -22.75 -14.27
C ASP A 135 -10.48 -23.39 -15.01
N LYS A 136 -10.28 -24.69 -14.80
CA LYS A 136 -9.18 -25.39 -15.48
C LYS A 136 -9.28 -25.28 -17.02
N ASP A 137 -10.44 -24.95 -17.57
CA ASP A 137 -10.54 -24.79 -19.02
C ASP A 137 -10.42 -23.33 -19.46
N ASP A 138 -10.33 -22.41 -18.52
CA ASP A 138 -10.13 -21.01 -18.84
C ASP A 138 -8.68 -20.75 -19.21
N VAL A 139 -8.47 -19.82 -20.14
CA VAL A 139 -7.13 -19.42 -20.56
C VAL A 139 -6.96 -17.93 -20.29
N ILE A 140 -5.84 -17.56 -19.67
CA ILE A 140 -5.43 -16.17 -19.52
C ILE A 140 -4.42 -15.86 -20.61
N ILE A 141 -4.70 -14.84 -21.41
CA ILE A 141 -3.87 -14.48 -22.55
C ILE A 141 -2.99 -13.31 -22.16
N THR A 142 -1.67 -13.47 -22.31
CA THR A 142 -0.70 -12.41 -22.13
C THR A 142 0.12 -12.23 -23.40
N PHE A 143 1.01 -11.25 -23.36
CA PHE A 143 1.90 -10.94 -24.48
C PHE A 143 3.32 -10.89 -23.95
N SER A 144 4.28 -11.00 -24.87
CA SER A 144 5.68 -10.88 -24.45
C SER A 144 6.02 -9.47 -24.00
N THR A 145 5.12 -8.50 -24.20
CA THR A 145 5.26 -7.15 -23.67
C THR A 145 4.62 -6.98 -22.29
N THR A 146 3.98 -8.02 -21.77
CA THR A 146 3.31 -7.90 -20.48
C THR A 146 4.32 -7.57 -19.39
N TYR A 147 3.93 -6.67 -18.49
CA TYR A 147 4.78 -6.26 -17.38
C TYR A 147 5.18 -7.47 -16.54
N GLY A 148 6.47 -7.47 -16.14
CA GLY A 148 7.00 -8.63 -15.45
C GLY A 148 6.24 -8.99 -14.18
N ALA A 149 5.88 -7.97 -13.39
CA ALA A 149 5.13 -8.22 -12.17
C ALA A 149 3.80 -8.93 -12.45
N ILE A 150 3.22 -8.71 -13.63
CA ILE A 150 1.96 -9.36 -13.96
C ILE A 150 2.17 -10.82 -14.32
N ASP A 151 3.25 -11.14 -15.05
CA ASP A 151 3.59 -12.53 -15.30
C ASP A 151 3.78 -13.28 -13.99
N ASN A 152 4.49 -12.67 -13.03
CA ASN A 152 4.75 -13.33 -11.75
C ASN A 152 3.45 -13.60 -11.00
N ALA A 153 2.53 -12.63 -11.01
CA ALA A 153 1.22 -12.85 -10.38
C ALA A 153 0.50 -14.03 -11.02
N ILE A 154 0.50 -14.10 -12.35
CA ILE A 154 -0.18 -15.19 -13.04
C ILE A 154 0.49 -16.53 -12.72
N ALA A 155 1.82 -16.56 -12.71
CA ALA A 155 2.53 -17.77 -12.32
C ALA A 155 2.15 -18.18 -10.91
N SER A 156 2.23 -17.24 -9.97
CA SER A 156 1.90 -17.52 -8.57
C SER A 156 0.50 -18.10 -8.43
N MET A 157 -0.49 -17.46 -9.07
CA MET A 157 -1.86 -17.94 -8.98
C MET A 157 -2.00 -19.36 -9.53
N ALA A 158 -1.24 -19.68 -10.59
CA ALA A 158 -1.35 -20.99 -11.21
C ALA A 158 -0.94 -22.11 -10.26
N GLU A 159 -0.21 -21.78 -9.20
CA GLU A 159 0.24 -22.80 -8.25
C GLU A 159 -0.92 -23.40 -7.48
N THR A 160 -2.00 -22.64 -7.27
CA THR A 160 -3.13 -23.10 -6.45
C THR A 160 -4.47 -23.04 -7.20
N GLN A 161 -4.46 -22.74 -8.49
CA GLN A 161 -5.65 -22.73 -9.33
C GLN A 161 -5.36 -23.49 -10.60
N PRO A 162 -6.39 -24.02 -11.27
CA PRO A 162 -6.18 -24.94 -12.40
C PRO A 162 -6.21 -24.32 -13.79
N PHE A 163 -6.38 -23.01 -13.92
CA PHE A 163 -6.39 -22.36 -15.22
C PHE A 163 -5.04 -22.55 -15.93
N GLN A 164 -4.98 -22.08 -17.17
CA GLN A 164 -3.72 -22.07 -17.92
C GLN A 164 -3.59 -20.79 -18.72
N THR A 165 -2.37 -20.54 -19.19
CA THR A 165 -2.01 -19.26 -19.78
C THR A 165 -1.17 -19.47 -21.03
N ARG A 166 -1.24 -18.50 -21.94
CA ARG A 166 -0.47 -18.53 -23.19
C ARG A 166 -0.04 -17.11 -23.49
N LYS A 167 1.18 -16.97 -24.01
CA LYS A 167 1.82 -15.68 -24.24
C LYS A 167 1.88 -15.44 -25.74
N VAL A 168 1.16 -14.42 -26.21
CA VAL A 168 1.28 -14.01 -27.60
C VAL A 168 2.65 -13.39 -27.81
N THR A 169 3.42 -13.93 -28.75
CA THR A 169 4.75 -13.42 -29.00
C THR A 169 4.68 -12.08 -29.72
N VAL A 170 5.42 -11.10 -29.20
CA VAL A 170 5.52 -9.78 -29.82
C VAL A 170 6.99 -9.40 -29.80
N ASP A 171 7.60 -9.31 -30.97
CA ASP A 171 8.99 -8.88 -31.10
C ASP A 171 8.99 -7.51 -31.78
N LEU A 172 9.03 -6.47 -30.96
CA LEU A 172 9.07 -5.11 -31.50
C LEU A 172 10.40 -4.88 -32.22
N PRO A 173 10.40 -4.16 -33.36
CA PRO A 173 9.24 -3.45 -33.90
C PRO A 173 8.25 -4.34 -34.68
N MET A 174 6.98 -3.95 -34.62
CA MET A 174 5.90 -4.64 -35.31
C MET A 174 4.82 -3.61 -35.63
N ARG A 175 3.90 -4.00 -36.51
CA ARG A 175 2.77 -3.15 -36.84
C ARG A 175 1.59 -3.49 -35.93
N GLY A 176 0.82 -2.46 -35.56
CA GLY A 176 -0.29 -2.66 -34.65
C GLY A 176 -1.28 -3.70 -35.12
N GLU A 177 -1.59 -3.69 -36.43
CA GLU A 177 -2.52 -4.67 -36.96
C GLU A 177 -1.94 -6.08 -37.02
N ASP A 178 -0.61 -6.21 -37.04
CA ASP A 178 0.00 -7.53 -36.96
C ASP A 178 -0.09 -8.08 -35.54
N ILE A 179 0.07 -7.20 -34.54
CA ILE A 179 -0.16 -7.59 -33.16
C ILE A 179 -1.61 -8.03 -32.97
N VAL A 180 -2.55 -7.22 -33.45
CA VAL A 180 -3.97 -7.54 -33.31
C VAL A 180 -4.30 -8.87 -33.97
N ALA A 181 -3.61 -9.18 -35.07
CA ALA A 181 -3.90 -10.42 -35.79
C ALA A 181 -3.43 -11.64 -35.02
N ARG A 182 -2.21 -11.57 -34.44
CA ARG A 182 -1.72 -12.69 -33.65
C ARG A 182 -2.61 -12.94 -32.44
N PHE A 183 -3.12 -11.86 -31.84
CA PHE A 183 -4.08 -12.02 -30.74
C PHE A 183 -5.31 -12.78 -31.21
N GLU A 184 -5.90 -12.36 -32.33
CA GLU A 184 -7.06 -13.06 -32.88
C GLU A 184 -6.72 -14.50 -33.22
N GLY A 185 -5.48 -14.74 -33.69
CA GLY A 185 -5.07 -16.11 -33.95
C GLY A 185 -4.93 -16.94 -32.69
N MET A 186 -4.41 -16.33 -31.62
CA MET A 186 -4.35 -17.02 -30.34
C MET A 186 -5.73 -17.36 -29.83
N VAL A 187 -6.63 -16.37 -29.84
CA VAL A 187 -8.00 -16.59 -29.38
C VAL A 187 -8.68 -17.68 -30.20
N ALA A 188 -8.43 -17.71 -31.51
CA ALA A 188 -9.03 -18.74 -32.35
C ALA A 188 -8.44 -20.11 -32.06
N GLN A 189 -7.13 -20.18 -31.86
CA GLN A 189 -6.49 -21.45 -31.54
C GLN A 189 -6.99 -22.01 -30.22
N ILE A 190 -7.21 -21.13 -29.23
CA ILE A 190 -7.70 -21.56 -27.92
C ILE A 190 -9.09 -22.18 -28.07
N LYS A 191 -9.99 -21.49 -28.77
CA LYS A 191 -11.34 -22.01 -28.96
C LYS A 191 -11.33 -23.33 -29.72
N ALA A 192 -10.36 -23.52 -30.62
CA ALA A 192 -10.32 -24.75 -31.41
C ALA A 192 -9.95 -25.96 -30.55
N GLU A 193 -9.10 -25.77 -29.55
CA GLU A 193 -8.69 -26.86 -28.67
C GLU A 193 -9.74 -27.20 -27.62
N GLY A 194 -10.91 -26.56 -27.65
CA GLY A 194 -11.93 -26.77 -26.65
C GLY A 194 -11.83 -25.90 -25.43
N LEU A 195 -10.84 -25.01 -25.37
CA LEU A 195 -10.61 -24.17 -24.21
C LEU A 195 -11.42 -22.88 -24.32
N HIS A 196 -11.42 -22.10 -23.25
CA HIS A 196 -12.18 -20.86 -23.18
C HIS A 196 -11.25 -19.67 -22.99
N PRO A 197 -11.13 -18.76 -23.96
CA PRO A 197 -10.31 -17.57 -23.74
C PRO A 197 -11.04 -16.59 -22.83
N ARG A 198 -10.69 -16.61 -21.55
CA ARG A 198 -11.49 -15.91 -20.54
C ARG A 198 -11.06 -14.48 -20.33
N LEU A 199 -9.76 -14.20 -20.33
CA LEU A 199 -9.26 -12.87 -20.03
C LEU A 199 -7.95 -12.64 -20.77
N ALA A 200 -7.77 -11.42 -21.27
CA ALA A 200 -6.52 -11.00 -21.91
C ALA A 200 -5.96 -9.80 -21.17
N VAL A 201 -4.65 -9.81 -20.96
CA VAL A 201 -3.97 -8.70 -20.30
C VAL A 201 -3.40 -7.79 -21.38
N LEU A 202 -3.94 -6.58 -21.48
CA LEU A 202 -3.49 -5.59 -22.44
C LEU A 202 -2.83 -4.43 -21.71
N GLU A 203 -2.02 -3.68 -22.45
CA GLU A 203 -1.34 -2.50 -21.93
C GLU A 203 -1.56 -1.34 -22.89
N THR A 204 -1.59 -0.13 -22.33
CA THR A 204 -1.55 1.07 -23.16
C THR A 204 -0.13 1.34 -23.62
N ILE A 205 0.81 1.42 -22.70
CA ILE A 205 2.22 1.63 -22.98
C ILE A 205 2.99 0.45 -22.41
N VAL A 206 3.82 -0.18 -23.24
CA VAL A 206 4.79 -1.14 -22.72
C VAL A 206 5.77 -0.40 -21.83
N SER A 207 6.07 -0.98 -20.67
CA SER A 207 6.95 -0.32 -19.71
C SER A 207 8.31 -0.02 -20.31
N ILE A 208 8.93 -1.04 -20.91
CA ILE A 208 10.23 -0.90 -21.58
C ILE A 208 10.52 -2.18 -22.35
N PRO A 209 10.84 -2.12 -23.65
CA PRO A 209 10.95 -0.91 -24.49
C PRO A 209 9.58 -0.26 -24.68
N ALA A 210 9.54 1.07 -24.54
CA ALA A 210 8.27 1.77 -24.39
C ALA A 210 7.73 2.20 -25.74
N ILE A 211 6.59 1.64 -26.12
CA ILE A 211 5.76 2.10 -27.23
C ILE A 211 4.30 2.08 -26.82
N ARG A 212 3.49 2.76 -27.61
CA ARG A 212 2.04 2.67 -27.50
C ARG A 212 1.54 1.46 -28.29
N MET A 213 0.74 0.63 -27.64
CA MET A 213 0.25 -0.60 -28.22
C MET A 213 -1.16 -0.43 -28.76
N PRO A 214 -1.60 -1.32 -29.67
CA PRO A 214 -2.94 -1.17 -30.25
C PRO A 214 -4.07 -1.54 -29.30
N PHE A 215 -4.13 -0.89 -28.14
CA PHE A 215 -5.07 -1.32 -27.11
C PHE A 215 -6.52 -1.04 -27.50
N GLU A 216 -6.76 0.02 -28.28
CA GLU A 216 -8.12 0.27 -28.75
C GLU A 216 -8.62 -0.87 -29.63
N SER A 217 -7.74 -1.40 -30.48
CA SER A 217 -8.13 -2.49 -31.35
C SER A 217 -8.20 -3.82 -30.62
N LEU A 218 -7.35 -4.02 -29.61
CA LEU A 218 -7.37 -5.26 -28.85
C LEU A 218 -8.60 -5.35 -27.96
N VAL A 219 -9.01 -4.22 -27.37
CA VAL A 219 -10.26 -4.21 -26.62
C VAL A 219 -11.43 -4.58 -27.51
N GLN A 220 -11.43 -4.10 -28.76
CA GLN A 220 -12.50 -4.44 -29.68
C GLN A 220 -12.47 -5.93 -30.04
N ALA A 221 -11.29 -6.45 -30.37
CA ALA A 221 -11.17 -7.89 -30.63
C ALA A 221 -11.62 -8.70 -29.44
N CYS A 222 -11.30 -8.23 -28.22
CA CYS A 222 -11.72 -8.92 -27.01
C CYS A 222 -13.24 -8.99 -26.91
N GLN A 223 -13.92 -7.85 -27.11
CA GLN A 223 -15.38 -7.84 -26.96
C GLN A 223 -16.06 -8.70 -28.02
N ARG A 224 -15.48 -8.76 -29.23
CA ARG A 224 -16.07 -9.61 -30.27
C ARG A 224 -16.01 -11.08 -29.87
N GLU A 225 -14.89 -11.51 -29.29
CA GLU A 225 -14.64 -12.91 -28.99
C GLU A 225 -15.10 -13.33 -27.60
N GLY A 226 -15.67 -12.42 -26.83
CA GLY A 226 -16.12 -12.76 -25.48
C GLY A 226 -15.00 -12.90 -24.49
N VAL A 227 -13.90 -12.18 -24.68
CA VAL A 227 -12.74 -12.23 -23.80
C VAL A 227 -12.73 -10.94 -22.98
N LEU A 228 -12.60 -11.08 -21.66
CA LEU A 228 -12.49 -9.91 -20.81
C LEU A 228 -11.20 -9.16 -21.11
N SER A 229 -11.31 -7.83 -21.17
CA SER A 229 -10.17 -6.97 -21.49
C SER A 229 -9.67 -6.31 -20.22
N LEU A 230 -8.55 -6.82 -19.69
CA LEU A 230 -7.87 -6.20 -18.55
C LEU A 230 -6.79 -5.29 -19.11
N VAL A 231 -7.00 -3.98 -19.01
CA VAL A 231 -6.09 -3.02 -19.62
C VAL A 231 -5.15 -2.48 -18.55
N ASP A 232 -3.86 -2.71 -18.75
CA ASP A 232 -2.78 -2.15 -17.94
C ASP A 232 -2.47 -0.76 -18.49
N GLY A 233 -3.20 0.25 -18.01
CA GLY A 233 -2.92 1.59 -18.46
C GLY A 233 -2.09 2.37 -17.44
N ALA A 234 -1.09 1.71 -16.86
CA ALA A 234 -0.19 2.36 -15.91
C ALA A 234 0.31 3.70 -16.46
N HIS A 235 0.78 3.69 -17.71
CA HIS A 235 1.08 4.91 -18.45
C HIS A 235 -0.13 5.26 -19.30
N SER A 236 -0.89 6.27 -18.87
CA SER A 236 -2.01 6.74 -19.69
C SER A 236 -2.50 8.11 -19.24
N ILE A 237 -3.31 8.15 -18.18
CA ILE A 237 -3.96 9.39 -17.76
C ILE A 237 -2.91 10.47 -17.55
N GLY A 238 -3.15 11.64 -18.13
CA GLY A 238 -2.23 12.74 -18.05
C GLY A 238 -1.18 12.79 -19.14
N GLN A 239 -1.01 11.71 -19.92
CA GLN A 239 -0.02 11.66 -20.99
C GLN A 239 -0.64 11.77 -22.37
N PHE A 240 -1.79 11.14 -22.61
CA PHE A 240 -2.52 11.29 -23.86
C PHE A 240 -4.01 11.19 -23.56
N SER A 241 -4.81 11.77 -24.46
CA SER A 241 -6.25 11.77 -24.31
C SER A 241 -6.79 10.35 -24.21
N LEU A 242 -7.89 10.17 -23.50
CA LEU A 242 -8.41 8.84 -23.37
C LEU A 242 -9.88 8.94 -22.98
N ASN A 243 -10.68 8.02 -23.52
CA ASN A 243 -12.14 8.10 -23.43
C ASN A 243 -12.66 6.68 -23.22
N LEU A 244 -13.00 6.35 -21.98
CA LEU A 244 -13.46 5.00 -21.65
C LEU A 244 -14.91 4.78 -22.04
N GLU A 245 -15.72 5.84 -22.01
CA GLU A 245 -17.08 5.81 -22.56
C GLU A 245 -17.07 5.31 -24.00
N VAL A 246 -16.01 5.62 -24.75
CA VAL A 246 -15.83 5.04 -26.08
C VAL A 246 -15.19 3.66 -26.00
N LEU A 247 -13.99 3.59 -25.40
CA LEU A 247 -13.19 2.37 -25.44
C LEU A 247 -13.91 1.21 -24.78
N GLN A 248 -14.61 1.46 -23.68
CA GLN A 248 -15.38 0.46 -22.96
C GLN A 248 -14.55 -0.78 -22.55
N PRO A 249 -13.41 -0.59 -21.88
CA PRO A 249 -12.65 -1.75 -21.44
C PRO A 249 -13.33 -2.43 -20.27
N ASP A 250 -13.09 -3.73 -20.14
CA ASP A 250 -13.69 -4.47 -19.02
C ASP A 250 -13.08 -4.04 -17.70
N PHE A 251 -11.77 -3.77 -17.68
CA PHE A 251 -11.09 -3.22 -16.52
C PHE A 251 -9.98 -2.32 -17.02
N PHE A 252 -9.76 -1.21 -16.33
CA PHE A 252 -8.72 -0.25 -16.75
C PHE A 252 -8.03 0.29 -15.50
N ILE A 253 -6.70 0.11 -15.44
CA ILE A 253 -5.89 0.48 -14.28
C ILE A 253 -4.82 1.47 -14.73
N MET A 254 -4.53 2.44 -13.90
CA MET A 254 -3.74 3.59 -14.31
C MET A 254 -2.97 4.09 -13.11
N ASP A 255 -1.73 4.53 -13.36
CA ASP A 255 -0.91 5.18 -12.35
C ASP A 255 -1.01 6.68 -12.57
N CYS A 256 -1.70 7.37 -11.67
CA CYS A 256 -1.84 8.82 -11.82
C CYS A 256 -0.49 9.51 -11.64
N HIS A 257 0.36 8.98 -10.77
CA HIS A 257 1.63 9.62 -10.47
C HIS A 257 2.59 9.59 -11.65
N TRP A 259 1.96 10.38 -14.82
CA TRP A 259 1.84 11.54 -15.72
C TRP A 259 0.87 12.67 -15.31
N LEU A 260 0.32 12.65 -14.09
CA LEU A 260 -0.66 13.65 -13.69
C LEU A 260 -0.13 14.64 -12.65
N PHE A 261 1.18 14.78 -12.53
CA PHE A 261 1.80 15.76 -11.63
C PHE A 261 1.38 15.56 -10.17
N VAL A 262 1.30 14.31 -9.74
CA VAL A 262 1.08 13.99 -8.34
C VAL A 262 2.19 13.03 -7.88
N PRO A 263 2.54 13.01 -6.60
CA PRO A 263 3.61 12.11 -6.15
C PRO A 263 3.19 10.65 -6.16
N ARG A 264 4.18 9.78 -6.24
CA ARG A 264 3.93 8.36 -6.11
C ARG A 264 3.69 8.01 -4.64
N PRO A 265 2.92 6.95 -4.36
CA PRO A 265 2.15 6.16 -5.32
C PRO A 265 0.72 6.67 -5.42
N CYS A 266 0.13 6.57 -6.60
CA CYS A 266 -1.22 7.10 -6.79
C CYS A 266 -1.81 6.43 -8.03
N ALA A 267 -2.77 5.54 -7.83
CA ALA A 267 -3.37 4.79 -8.92
C ALA A 267 -4.89 4.84 -8.80
N ALA A 268 -5.54 4.47 -9.90
CA ALA A 268 -6.99 4.38 -9.94
C ALA A 268 -7.39 3.15 -10.74
N LEU A 269 -8.54 2.59 -10.40
CA LEU A 269 -9.09 1.44 -11.09
C LEU A 269 -10.47 1.79 -11.62
N TYR A 270 -10.68 1.54 -12.90
CA TYR A 270 -11.98 1.72 -13.54
C TYR A 270 -12.61 0.36 -13.78
N VAL A 271 -13.82 0.16 -13.26
CA VAL A 271 -14.59 -1.04 -13.50
C VAL A 271 -15.99 -0.61 -13.92
N PRO A 272 -16.45 -0.94 -15.13
CA PRO A 272 -17.81 -0.58 -15.53
C PRO A 272 -18.83 -1.31 -14.67
N GLU A 273 -20.03 -0.72 -14.62
CA GLU A 273 -21.11 -1.31 -13.85
C GLU A 273 -21.28 -2.79 -14.17
N ARG A 274 -21.25 -3.14 -15.46
CA ARG A 274 -21.51 -4.50 -15.88
C ARG A 274 -20.50 -5.50 -15.31
N ASN A 275 -19.34 -5.05 -14.86
CA ASN A 275 -18.32 -5.94 -14.34
C ASN A 275 -18.07 -5.76 -12.84
N GLN A 276 -18.73 -4.81 -12.19
CA GLN A 276 -18.47 -4.55 -10.79
C GLN A 276 -18.81 -5.74 -9.90
N HIS A 277 -19.62 -6.68 -10.39
CA HIS A 277 -19.95 -7.86 -9.61
C HIS A 277 -18.76 -8.80 -9.42
N TYR A 278 -17.73 -8.70 -10.26
CA TYR A 278 -16.58 -9.58 -10.14
C TYR A 278 -15.76 -9.28 -8.89
N ILE A 279 -15.74 -8.03 -8.46
CA ILE A 279 -14.81 -7.56 -7.44
C ILE A 279 -15.50 -7.68 -6.09
N ARG A 280 -15.05 -8.62 -5.28
CA ARG A 280 -15.61 -8.84 -3.96
C ARG A 280 -14.65 -8.52 -2.83
N SER A 281 -13.37 -8.28 -3.14
CA SER A 281 -12.36 -8.08 -2.11
C SER A 281 -11.23 -7.23 -2.63
N THR A 282 -10.79 -6.27 -1.83
CA THR A 282 -9.50 -5.64 -2.10
C THR A 282 -8.37 -6.62 -1.82
N ILE A 283 -7.16 -6.22 -2.20
CA ILE A 283 -5.96 -6.98 -1.93
C ILE A 283 -5.02 -6.08 -1.12
N PRO A 284 -4.75 -6.39 0.15
CA PRO A 284 -5.28 -7.53 0.91
C PRO A 284 -6.74 -7.32 1.30
N PRO A 285 -7.47 -8.39 1.57
CA PRO A 285 -8.85 -8.25 2.00
C PRO A 285 -8.93 -7.40 3.26
N SER A 286 -10.04 -6.68 3.40
CA SER A 286 -10.26 -5.83 4.56
C SER A 286 -11.74 -5.90 4.91
N PHE A 287 -12.22 -4.89 5.65
CA PHE A 287 -13.59 -4.90 6.16
C PHE A 287 -14.64 -4.73 5.07
N GLY A 288 -14.25 -4.37 3.85
CA GLY A 288 -15.21 -4.22 2.78
C GLY A 288 -15.59 -5.49 2.05
N PHE A 289 -15.05 -6.63 2.50
CA PHE A 289 -15.19 -7.90 1.79
C PHE A 289 -16.67 -8.29 1.62
N ILE A 290 -16.99 -8.84 0.45
CA ILE A 290 -18.32 -9.33 0.13
C ILE A 290 -18.24 -10.85 -0.01
N PRO A 291 -18.86 -11.62 0.88
CA PRO A 291 -18.92 -13.07 0.68
C PRO A 291 -19.82 -13.42 -0.50
N ARG A 292 -19.56 -14.58 -1.09
CA ARG A 292 -20.40 -15.06 -2.18
C ARG A 292 -21.85 -15.25 -1.73
N ASP A 293 -22.10 -15.38 -0.44
CA ASP A 293 -23.44 -15.53 0.10
C ASP A 293 -23.84 -14.32 0.92
N PRO A 296 -22.22 -8.41 3.11
CA PRO A 296 -21.17 -7.58 3.70
C PRO A 296 -21.64 -6.86 4.96
N ALA A 297 -20.84 -6.95 6.03
CA ALA A 297 -21.21 -6.41 7.33
C ALA A 297 -20.09 -5.50 7.83
N LEU A 298 -20.39 -4.20 7.95
CA LEU A 298 -19.40 -3.29 8.51
C LEU A 298 -19.54 -3.24 10.02
N PRO A 299 -18.43 -3.18 10.75
CA PRO A 299 -18.51 -3.06 12.21
C PRO A 299 -19.18 -1.76 12.63
N LEU A 300 -19.64 -1.72 13.88
CA LEU A 300 -20.41 -0.57 14.34
C LEU A 300 -19.62 0.73 14.24
N TRP A 301 -18.30 0.66 14.36
CA TRP A 301 -17.53 1.89 14.27
C TRP A 301 -17.62 2.55 12.89
N SER A 302 -18.14 1.83 11.89
CA SER A 302 -18.35 2.42 10.57
C SER A 302 -19.33 3.58 10.60
N LYS A 303 -20.21 3.64 11.60
CA LYS A 303 -21.21 4.69 11.69
C LYS A 303 -20.75 5.86 12.54
N GLN A 304 -19.54 5.81 13.09
CA GLN A 304 -18.95 6.96 13.76
C GLN A 304 -18.68 8.05 12.75
N ALA A 314 -23.69 5.01 -1.65
CA ALA A 314 -22.47 4.26 -1.93
C ALA A 314 -22.79 2.76 -2.10
N THR A 315 -22.37 2.21 -3.23
CA THR A 315 -22.65 0.83 -3.56
C THR A 315 -21.70 -0.12 -2.83
N ASP A 316 -21.97 -1.42 -2.98
CA ASP A 316 -21.09 -2.43 -2.43
C ASP A 316 -19.68 -2.33 -3.02
N PHE A 317 -19.59 -2.13 -4.33
CA PHE A 317 -18.30 -1.96 -4.99
C PHE A 317 -17.50 -0.82 -4.37
N GLU A 318 -18.16 0.33 -4.14
CA GLU A 318 -17.46 1.48 -3.59
C GLU A 318 -17.06 1.27 -2.14
N THR A 319 -17.86 0.55 -1.36
CA THR A 319 -17.50 0.30 0.03
C THR A 319 -16.30 -0.63 0.14
N ILE A 320 -16.15 -1.57 -0.79
CA ILE A 320 -14.96 -2.42 -0.83
C ILE A 320 -13.70 -1.58 -0.76
N PHE A 321 -13.66 -0.48 -1.50
CA PHE A 321 -12.48 0.37 -1.58
C PHE A 321 -12.54 1.56 -0.65
N ALA A 322 -13.58 1.68 0.17
CA ALA A 322 -13.64 2.71 1.20
C ALA A 322 -13.16 2.21 2.56
N TYR A 323 -13.35 0.93 2.85
CA TYR A 323 -12.98 0.33 4.13
C TYR A 323 -11.84 -0.64 3.88
N VAL A 324 -10.61 -0.13 3.89
CA VAL A 324 -9.41 -0.88 3.54
C VAL A 324 -8.38 -0.67 4.65
N ALA A 325 -7.24 -1.36 4.53
CA ALA A 325 -6.20 -1.27 5.52
C ALA A 325 -5.63 0.15 5.58
N THR A 326 -5.02 0.48 6.71
CA THR A 326 -4.49 1.82 6.96
C THR A 326 -3.56 2.25 5.83
N SER A 327 -3.78 3.45 5.31
CA SER A 327 -3.06 3.91 4.13
C SER A 327 -2.98 5.43 4.14
N ASP A 328 -2.02 5.95 3.38
CA ASP A 328 -1.92 7.37 3.12
C ASP A 328 -2.70 7.72 1.86
N ASN A 329 -3.41 8.83 1.90
CA ASN A 329 -4.26 9.26 0.78
C ASN A 329 -3.81 10.58 0.17
N MET A 330 -2.70 11.13 0.60
CA MET A 330 -2.44 12.52 0.23
C MET A 330 -1.98 12.70 -1.22
N PRO A 331 -1.30 11.73 -1.85
CA PRO A 331 -1.13 11.84 -3.31
C PRO A 331 -2.44 11.97 -4.06
N HIS A 332 -3.44 11.15 -3.73
CA HIS A 332 -4.75 11.27 -4.36
C HIS A 332 -5.39 12.61 -4.04
N MET A 333 -5.25 13.09 -2.80
CA MET A 333 -5.81 14.38 -2.43
C MET A 333 -5.14 15.55 -3.16
N CYS A 334 -4.01 15.31 -3.82
CA CYS A 334 -3.34 16.34 -4.60
C CYS A 334 -3.86 16.43 -6.03
N ILE A 335 -4.72 15.49 -6.44
CA ILE A 335 -5.21 15.49 -7.83
C ILE A 335 -5.85 16.82 -8.23
N PRO A 336 -6.74 17.43 -7.44
CA PRO A 336 -7.35 18.69 -7.90
C PRO A 336 -6.33 19.81 -8.11
N THR A 337 -5.40 19.99 -7.18
CA THR A 337 -4.37 21.00 -7.34
C THR A 337 -3.56 20.77 -8.61
N ALA A 338 -3.25 19.51 -8.90
CA ALA A 338 -2.53 19.19 -10.13
C ALA A 338 -3.35 19.55 -11.36
N LEU A 339 -4.62 19.15 -11.38
CA LEU A 339 -5.46 19.44 -12.53
C LEU A 339 -5.73 20.94 -12.68
N LYS A 340 -5.79 21.67 -11.56
CA LYS A 340 -5.90 23.12 -11.64
C LYS A 340 -4.66 23.72 -12.29
N PHE A 341 -3.48 23.29 -11.85
CA PHE A 341 -2.23 23.77 -12.44
C PHE A 341 -2.18 23.47 -13.93
N ARG A 342 -2.73 22.33 -14.34
CA ARG A 342 -2.68 21.97 -15.75
C ARG A 342 -3.67 22.77 -16.58
N ARG A 343 -4.81 23.16 -16.00
CA ARG A 343 -5.77 23.98 -16.74
C ARG A 343 -5.29 25.43 -16.83
N GLU A 344 -4.77 25.97 -15.73
CA GLU A 344 -4.54 27.41 -15.64
C GLU A 344 -3.14 27.81 -16.09
N VAL A 345 -2.12 27.05 -15.71
CA VAL A 345 -0.75 27.42 -16.07
C VAL A 345 -0.30 26.77 -17.38
N CYS A 346 -0.78 25.57 -17.69
CA CYS A 346 -0.31 24.83 -18.85
C CYS A 346 -1.26 24.88 -20.04
N GLY A 347 -2.44 25.50 -19.89
CA GLY A 347 -3.35 25.65 -21.01
C GLY A 347 -4.21 24.45 -21.32
N GLY A 348 -4.45 23.57 -20.35
CA GLY A 348 -5.36 22.47 -20.54
C GLY A 348 -4.67 21.17 -20.96
N GLU A 349 -5.46 20.10 -20.94
CA GLU A 349 -4.89 18.76 -21.15
C GLU A 349 -4.38 18.60 -22.58
N GLU A 350 -5.15 19.04 -23.57
CA GLU A 350 -4.79 18.79 -24.96
C GLU A 350 -3.46 19.44 -25.32
N ALA A 351 -3.25 20.69 -24.89
CA ALA A 351 -1.96 21.34 -25.12
C ALA A 351 -0.82 20.51 -24.57
N ILE A 352 -0.96 20.04 -23.32
CA ILE A 352 0.09 19.24 -22.70
C ILE A 352 0.34 17.96 -23.51
N TYR A 353 -0.74 17.27 -23.88
CA TYR A 353 -0.59 16.04 -24.67
C TYR A 353 0.18 16.30 -25.96
N GLN A 354 -0.16 17.39 -26.65
CA GLN A 354 0.51 17.71 -27.91
C GLN A 354 2.00 17.98 -27.69
N TYR A 355 2.33 18.86 -26.75
CA TYR A 355 3.73 19.18 -26.49
C TYR A 355 4.53 17.93 -26.13
N LEU A 356 3.97 17.06 -25.29
CA LEU A 356 4.67 15.83 -24.93
C LEU A 356 4.94 14.97 -26.15
N ARG A 357 3.90 14.74 -26.98
CA ARG A 357 4.08 13.95 -28.19
C ARG A 357 5.10 14.58 -29.12
N VAL A 358 4.95 15.88 -29.40
CA VAL A 358 5.82 16.55 -30.35
C VAL A 358 7.26 16.57 -29.85
N LEU A 359 7.45 16.86 -28.57
CA LEU A 359 8.80 16.86 -28.01
C LEU A 359 9.43 15.48 -28.08
N ALA A 360 8.66 14.44 -27.75
CA ALA A 360 9.19 13.08 -27.80
C ALA A 360 9.53 12.67 -29.23
N LYS A 361 8.66 13.03 -30.19
CA LYS A 361 8.96 12.74 -31.58
C LYS A 361 10.26 13.40 -32.02
N GLU A 362 10.35 14.73 -31.85
CA GLU A 362 11.55 15.44 -32.27
C GLU A 362 12.74 15.10 -31.39
N GLY A 363 12.57 15.18 -30.07
CA GLY A 363 13.68 14.93 -29.17
C GLY A 363 14.21 13.52 -29.27
N GLY A 364 13.31 12.54 -29.40
CA GLY A 364 13.76 11.16 -29.60
C GLY A 364 14.49 10.99 -30.92
N ASP A 365 13.97 11.59 -31.99
CA ASP A 365 14.64 11.52 -33.28
C ASP A 365 16.04 12.11 -33.21
N ARG A 366 16.19 13.24 -32.52
CA ARG A 366 17.48 13.89 -32.44
C ARG A 366 18.49 13.08 -31.64
N VAL A 367 18.04 12.37 -30.60
CA VAL A 367 18.95 11.53 -29.84
C VAL A 367 19.41 10.34 -30.69
N ALA A 368 18.54 9.80 -31.52
CA ALA A 368 18.93 8.69 -32.39
C ALA A 368 19.89 9.14 -33.46
N ALA A 369 19.66 10.33 -34.04
CA ALA A 369 20.57 10.88 -35.03
C ALA A 369 21.98 11.02 -34.45
N ILE A 370 22.10 11.75 -33.34
CA ILE A 370 23.39 11.97 -32.67
C ILE A 370 24.09 10.65 -32.39
N LEU A 371 23.33 9.61 -32.05
CA LEU A 371 23.90 8.31 -31.74
C LEU A 371 24.19 7.47 -32.98
N GLY A 372 23.66 7.86 -34.14
CA GLY A 372 23.78 7.01 -35.31
C GLY A 372 22.88 5.79 -35.29
N THR A 373 21.88 5.78 -34.41
CA THR A 373 20.98 4.63 -34.29
C THR A 373 19.56 4.99 -34.71
N GLU A 374 18.58 4.47 -33.99
CA GLU A 374 17.18 4.58 -34.40
C GLU A 374 16.29 4.74 -33.17
N VAL A 375 15.06 5.20 -33.43
CA VAL A 375 14.02 5.26 -32.42
C VAL A 375 13.09 4.07 -32.62
N LEU A 376 12.64 3.46 -31.53
CA LEU A 376 11.75 2.31 -31.64
C LEU A 376 10.44 2.72 -32.29
N ASP A 377 10.11 2.04 -33.39
CA ASP A 377 8.94 2.36 -34.20
C ASP A 377 8.73 1.23 -35.19
N GLU A 378 7.47 0.86 -35.39
CA GLU A 378 7.06 -0.14 -36.37
C GLU A 378 7.84 -0.09 -37.67
N GLU A 392 -0.52 4.98 -34.12
CA GLU A 392 0.94 5.12 -34.18
C GLU A 392 1.58 4.76 -32.85
N MET A 393 2.66 3.96 -32.90
CA MET A 393 3.35 3.52 -31.70
C MET A 393 4.06 4.64 -30.96
N ARG A 394 4.23 5.81 -31.58
CA ARG A 394 4.86 6.95 -30.94
C ARG A 394 3.86 8.06 -30.61
N ASP A 395 2.57 7.75 -30.64
CA ASP A 395 1.50 8.68 -30.26
C ASP A 395 1.43 8.78 -28.73
N CYS A 396 2.50 9.27 -28.14
CA CYS A 396 2.67 9.34 -26.69
C CYS A 396 3.87 10.21 -26.38
N GLY A 397 4.18 10.35 -25.09
CA GLY A 397 5.24 11.24 -24.66
C GLY A 397 6.56 10.55 -24.37
N ILE A 398 6.78 9.39 -24.98
CA ILE A 398 7.97 8.57 -24.73
C ILE A 398 8.68 8.30 -26.05
N ALA A 399 10.00 8.22 -25.99
CA ALA A 399 10.83 7.71 -27.08
C ALA A 399 11.83 6.71 -26.51
N THR A 400 11.84 5.51 -27.08
CA THR A 400 12.81 4.48 -26.73
C THR A 400 13.88 4.43 -27.82
N VAL A 401 15.11 4.78 -27.45
CA VAL A 401 16.21 4.92 -28.41
C VAL A 401 17.22 3.81 -28.16
N ARG A 402 17.71 3.23 -29.25
CA ARG A 402 18.72 2.19 -29.15
C ARG A 402 20.09 2.79 -28.87
N LEU A 403 20.81 2.17 -27.98
CA LEU A 403 22.20 2.56 -27.77
C LEU A 403 23.11 1.74 -28.68
N PRO A 404 24.25 2.30 -29.08
CA PRO A 404 25.19 1.54 -29.89
C PRO A 404 25.98 0.51 -29.10
N LEU A 405 25.30 -0.29 -28.28
CA LEU A 405 25.98 -1.34 -27.52
C LEU A 405 25.28 -2.68 -27.73
N ALA A 406 26.08 -3.73 -27.87
CA ALA A 406 25.60 -5.06 -28.18
C ALA A 406 25.77 -5.97 -26.97
N VAL A 407 24.79 -6.85 -26.78
CA VAL A 407 24.84 -7.82 -25.68
C VAL A 407 24.56 -9.22 -26.21
N VAL A 429 28.19 -7.31 -18.59
CA VAL A 429 27.08 -6.50 -19.04
C VAL A 429 26.69 -5.64 -17.85
N GLY A 430 26.62 -6.33 -16.71
CA GLY A 430 26.26 -5.75 -15.44
C GLY A 430 27.10 -4.57 -15.04
N PRO A 431 28.43 -4.76 -14.89
CA PRO A 431 29.31 -3.62 -14.59
C PRO A 431 29.15 -2.46 -15.57
N ALA A 432 28.96 -2.76 -16.85
CA ALA A 432 28.74 -1.70 -17.84
C ALA A 432 27.46 -0.93 -17.54
N VAL A 433 26.33 -1.65 -17.43
CA VAL A 433 25.08 -1.04 -16.99
C VAL A 433 25.27 -0.23 -15.71
N HIS A 434 26.01 -0.77 -14.75
CA HIS A 434 26.21 -0.04 -13.50
C HIS A 434 27.00 1.24 -13.74
N TYR A 435 28.04 1.17 -14.57
CA TYR A 435 28.83 2.37 -14.87
C TYR A 435 27.97 3.44 -15.53
N LEU A 436 27.26 3.07 -16.60
CA LEU A 436 26.43 4.02 -17.33
C LEU A 436 25.49 4.78 -16.39
N SER A 437 24.83 4.05 -15.49
CA SER A 437 23.79 4.66 -14.67
C SER A 437 24.38 5.57 -13.61
N MET A 438 25.36 5.08 -12.86
CA MET A 438 25.99 5.93 -11.84
C MET A 438 26.61 7.16 -12.48
N THR A 439 27.18 7.02 -13.68
CA THR A 439 27.71 8.17 -14.39
C THR A 439 26.62 9.21 -14.66
N LEU A 440 25.47 8.75 -15.15
CA LEU A 440 24.37 9.69 -15.39
C LEU A 440 23.89 10.31 -14.08
N ALA A 441 23.79 9.50 -13.02
CA ALA A 441 23.27 10.00 -11.75
C ALA A 441 24.28 10.86 -11.03
N GLU A 442 25.56 10.47 -11.03
CA GLU A 442 26.57 11.18 -10.27
C GLU A 442 27.14 12.38 -11.01
N THR A 443 27.50 12.20 -12.29
CA THR A 443 28.13 13.28 -13.04
C THR A 443 27.10 14.21 -13.68
N HIS A 444 26.13 13.65 -14.39
CA HIS A 444 25.24 14.43 -15.23
C HIS A 444 23.90 14.74 -14.58
N LYS A 445 23.61 14.15 -13.41
CA LYS A 445 22.42 14.49 -12.62
C LYS A 445 21.14 14.27 -13.42
N THR A 446 21.03 13.09 -13.99
CA THR A 446 19.83 12.59 -14.64
C THR A 446 19.77 11.09 -14.37
N TRP A 447 18.73 10.44 -14.89
CA TRP A 447 18.60 9.00 -14.71
C TRP A 447 17.74 8.45 -15.83
N LEU A 448 18.18 7.33 -16.41
CA LEU A 448 17.46 6.71 -17.51
C LEU A 448 17.32 5.21 -17.25
N PRO A 449 16.14 4.66 -17.48
CA PRO A 449 15.99 3.20 -17.48
C PRO A 449 16.49 2.62 -18.79
N LEU A 450 16.97 1.39 -18.71
CA LEU A 450 17.44 0.68 -19.89
C LEU A 450 17.09 -0.79 -19.77
N ILE A 451 17.21 -1.50 -20.90
CA ILE A 451 16.87 -2.91 -20.97
C ILE A 451 17.56 -3.49 -22.18
N ASP A 452 17.81 -4.79 -22.16
CA ASP A 452 18.33 -5.51 -23.31
C ASP A 452 17.17 -5.98 -24.18
N HIS A 453 17.25 -5.71 -25.48
CA HIS A 453 16.20 -6.13 -26.40
C HIS A 453 16.79 -6.22 -27.80
N GLY A 454 16.47 -7.30 -28.49
CA GLY A 454 16.97 -7.47 -29.86
C GLY A 454 18.47 -7.41 -29.97
N GLY A 455 19.17 -7.96 -28.98
CA GLY A 455 20.62 -7.99 -29.01
C GLY A 455 21.31 -6.67 -28.72
N TYR A 456 20.57 -5.65 -28.30
CA TYR A 456 21.15 -4.34 -28.04
C TYR A 456 20.53 -3.75 -26.78
N ILE A 457 21.21 -2.74 -26.23
CA ILE A 457 20.73 -2.02 -25.05
C ILE A 457 19.96 -0.80 -25.52
N TRP A 458 18.73 -0.65 -25.03
CA TRP A 458 17.89 0.48 -25.36
C TRP A 458 17.68 1.36 -24.14
N VAL A 459 17.32 2.62 -24.38
CA VAL A 459 17.11 3.60 -23.33
C VAL A 459 15.75 4.24 -23.53
N ARG A 460 14.99 4.38 -22.44
CA ARG A 460 13.68 5.04 -22.48
C ARG A 460 13.84 6.49 -22.07
N LEU A 461 13.34 7.40 -22.91
CA LEU A 461 13.37 8.83 -22.66
C LEU A 461 11.94 9.32 -22.54
N CYS A 462 11.65 10.04 -21.48
CA CYS A 462 10.29 10.55 -21.24
C CYS A 462 10.29 12.07 -21.36
N ALA A 463 9.51 12.59 -22.30
CA ALA A 463 9.32 14.03 -22.44
C ALA A 463 8.48 14.52 -21.26
N GLN A 464 8.49 15.83 -21.06
CA GLN A 464 7.68 16.43 -20.05
C GLN A 464 7.78 17.94 -20.22
N ILE A 465 6.82 18.68 -19.67
CA ILE A 465 6.53 20.02 -20.16
C ILE A 465 7.59 21.01 -19.76
N TYR A 466 8.52 20.63 -18.87
CA TYR A 466 9.62 21.49 -18.47
C TYR A 466 10.93 21.14 -19.18
N LEU A 467 10.91 20.13 -20.03
CA LEU A 467 12.04 19.85 -20.90
C LEU A 467 11.83 20.54 -22.25
N ASP A 468 12.93 20.76 -22.96
CA ASP A 468 12.85 21.22 -24.34
C ASP A 468 13.77 20.36 -25.20
N THR A 469 13.80 20.67 -26.50
CA THR A 469 14.52 19.84 -27.45
C THR A 469 16.02 19.80 -27.14
N SER A 470 16.56 20.85 -26.50
CA SER A 470 17.98 20.88 -26.20
C SER A 470 18.36 19.83 -25.16
N ASP A 471 17.46 19.57 -24.20
CA ASP A 471 17.74 18.54 -23.20
C ASP A 471 17.97 17.20 -23.86
N PHE A 472 17.19 16.87 -24.88
CA PHE A 472 17.40 15.63 -25.62
C PHE A 472 18.72 15.67 -26.38
N GLU A 473 19.02 16.79 -27.05
CA GLU A 473 20.32 16.95 -27.68
C GLU A 473 21.44 16.78 -26.65
N TRP A 474 21.22 17.25 -25.42
CA TRP A 474 22.22 17.09 -24.37
C TRP A 474 22.43 15.63 -24.01
N ILE A 475 21.33 14.89 -23.79
CA ILE A 475 21.47 13.49 -23.40
C ILE A 475 22.00 12.65 -24.55
N GLY A 476 21.73 13.07 -25.79
CA GLY A 476 22.31 12.37 -26.93
C GLY A 476 23.82 12.41 -26.90
N ASN A 477 24.38 13.60 -26.66
CA ASN A 477 25.83 13.75 -26.59
C ASN A 477 26.39 13.04 -25.37
N VAL A 478 25.72 13.14 -24.22
CA VAL A 478 26.17 12.45 -23.03
C VAL A 478 26.23 10.95 -23.28
N LEU A 479 25.14 10.37 -23.79
CA LEU A 479 25.13 8.95 -24.09
C LEU A 479 26.18 8.57 -25.12
N LYS A 480 26.35 9.42 -26.15
CA LYS A 480 27.42 9.22 -27.13
C LYS A 480 28.77 9.05 -26.43
N GLU A 481 29.10 9.96 -25.53
CA GLU A 481 30.38 9.91 -24.85
C GLU A 481 30.53 8.66 -23.98
N ILE A 482 29.46 8.29 -23.26
CA ILE A 482 29.55 7.13 -22.38
C ILE A 482 29.69 5.84 -23.17
N CYS A 483 28.99 5.74 -24.31
CA CYS A 483 29.12 4.55 -25.16
C CYS A 483 30.53 4.42 -25.68
N GLU A 484 31.10 5.53 -26.17
CA GLU A 484 32.50 5.55 -26.57
C GLU A 484 33.40 5.08 -25.44
N THR A 485 33.21 5.63 -24.24
CA THR A 485 33.91 5.18 -23.05
C THR A 485 33.62 3.71 -22.75
N THR B 38 15.25 14.16 30.08
CA THR B 38 15.46 15.55 29.70
C THR B 38 14.15 16.34 29.78
N THR B 39 13.08 15.79 29.23
CA THR B 39 11.76 16.38 29.34
C THR B 39 10.84 15.44 30.10
N PRO B 40 10.19 15.90 31.17
CA PRO B 40 9.28 15.02 31.91
C PRO B 40 8.07 14.64 31.07
N PHE B 41 7.62 13.40 31.23
CA PHE B 41 6.41 12.93 30.56
C PHE B 41 5.22 13.79 30.98
N GLY B 42 4.20 13.80 30.13
CA GLY B 42 3.01 14.59 30.39
C GLY B 42 2.94 15.81 29.49
N LYS B 43 2.20 16.83 29.91
CA LYS B 43 2.07 18.07 29.15
C LYS B 43 3.40 18.76 28.85
N PRO B 44 4.49 18.59 29.64
CA PRO B 44 5.79 19.06 29.17
C PRO B 44 6.25 18.43 27.85
N MET B 45 5.71 17.28 27.46
CA MET B 45 6.09 16.66 26.20
C MET B 45 5.39 17.29 25.00
N LEU B 46 4.32 18.06 25.23
CA LEU B 46 3.52 18.57 24.13
C LEU B 46 4.30 19.53 23.23
N LYS B 47 5.26 20.26 23.80
CA LYS B 47 6.07 21.16 22.98
C LYS B 47 6.89 20.39 21.95
N HIS B 48 7.20 19.12 22.22
CA HIS B 48 7.96 18.31 21.28
C HIS B 48 7.09 17.69 20.19
N PHE B 49 5.77 17.80 20.28
CA PHE B 49 4.87 17.22 19.30
C PHE B 49 4.14 18.33 18.55
N CYS B 50 3.36 17.94 17.54
CA CYS B 50 2.87 18.87 16.53
C CYS B 50 1.37 19.10 16.58
N MET B 51 0.69 18.66 17.65
CA MET B 51 -0.76 18.80 17.71
C MET B 51 -1.17 20.22 18.10
N ASN B 52 -2.38 20.60 17.68
CA ASN B 52 -3.00 21.84 18.12
C ASN B 52 -3.05 21.85 19.65
N PRO B 53 -2.88 23.01 20.28
CA PRO B 53 -2.94 23.04 21.76
C PRO B 53 -4.26 22.57 22.32
N GLU B 54 -5.36 22.75 21.59
CA GLU B 54 -6.67 22.32 22.06
C GLU B 54 -6.91 20.83 21.89
N TYR B 55 -6.17 20.18 20.99
CA TYR B 55 -6.44 18.80 20.61
C TYR B 55 -5.88 17.83 21.64
N ARG B 56 -6.70 16.84 22.02
CA ARG B 56 -6.31 15.79 22.96
C ARG B 56 -6.29 14.46 22.22
N ASN B 57 -5.09 13.91 22.04
CA ASN B 57 -4.92 12.68 21.27
C ASN B 57 -4.99 11.49 22.21
N LEU B 58 -6.20 10.94 22.36
CA LEU B 58 -6.42 9.73 23.13
C LEU B 58 -6.51 8.50 22.24
N ASN B 59 -6.24 8.65 20.95
CA ASN B 59 -6.38 7.58 19.97
C ASN B 59 -5.21 7.61 18.99
N ALA B 60 -4.00 7.85 19.51
CA ALA B 60 -2.83 7.96 18.65
C ALA B 60 -2.57 6.78 17.72
N PRO B 61 -2.82 5.51 18.08
CA PRO B 61 -2.42 4.43 17.18
C PRO B 61 -3.02 4.47 15.78
N SER B 62 -4.21 5.08 15.61
CA SER B 62 -4.91 4.98 14.32
C SER B 62 -4.13 5.67 13.21
N CYS B 63 -3.67 6.89 13.44
CA CYS B 63 -2.82 7.59 12.49
C CYS B 63 -1.37 7.64 12.92
N GLY B 64 -1.07 7.30 14.17
CA GLY B 64 0.24 7.54 14.71
C GLY B 64 0.37 8.99 15.12
N SER B 65 1.26 9.27 16.07
CA SER B 65 1.64 10.62 16.41
C SER B 65 3.16 10.68 16.47
N TRP B 66 3.74 11.77 16.00
CA TRP B 66 5.18 11.84 15.86
C TRP B 66 5.71 13.19 16.31
N PRO B 67 6.95 13.23 16.81
CA PRO B 67 7.52 14.49 17.29
C PRO B 67 7.91 15.41 16.15
N LYS B 68 8.17 16.67 16.51
CA LYS B 68 8.60 17.67 15.53
C LYS B 68 9.89 17.23 14.83
N THR B 69 10.78 16.55 15.52
CA THR B 69 12.01 16.09 14.89
C THR B 69 11.73 15.07 13.79
N VAL B 70 10.72 14.22 13.99
CA VAL B 70 10.34 13.29 12.93
C VAL B 70 9.67 14.04 11.78
N ARG B 71 8.77 14.98 12.11
CA ARG B 71 8.18 15.84 11.09
C ARG B 71 9.24 16.52 10.25
N ASP B 72 10.21 17.16 10.92
CA ASP B 72 11.23 17.94 10.21
C ASP B 72 12.08 17.03 9.34
N GLN B 73 12.48 15.87 9.86
CA GLN B 73 13.24 14.93 9.03
C GLN B 73 12.42 14.46 7.84
N TRP B 74 11.12 14.26 8.05
CA TRP B 74 10.22 13.83 6.97
C TRP B 74 10.15 14.87 5.86
N ARG B 75 10.00 16.15 6.24
CA ARG B 75 9.99 17.21 5.23
C ARG B 75 11.32 17.28 4.50
N ARG B 76 12.43 17.01 5.20
CA ARG B 76 13.73 17.06 4.56
C ARG B 76 13.88 15.97 3.51
N TYR B 77 13.27 14.80 3.75
CA TYR B 77 13.25 13.76 2.72
C TYR B 77 12.40 14.18 1.53
N LEU B 78 11.25 14.80 1.81
CA LEU B 78 10.40 15.29 0.72
C LEU B 78 11.14 16.31 -0.12
N ASP B 79 11.87 17.24 0.51
CA ASP B 79 12.70 18.19 -0.22
C ASP B 79 13.70 17.47 -1.13
N ASP B 80 14.39 16.47 -0.57
CA ASP B 80 15.39 15.74 -1.35
C ASP B 80 14.75 14.96 -2.49
N LEU B 81 13.61 14.31 -2.22
CA LEU B 81 12.90 13.57 -3.26
C LEU B 81 12.51 14.48 -4.42
N GLU B 82 12.03 15.68 -4.15
CA GLU B 82 11.62 16.53 -5.26
C GLU B 82 12.78 17.34 -5.83
N ALA B 83 13.88 17.48 -5.10
CA ALA B 83 15.07 18.11 -5.68
C ALA B 83 15.78 17.15 -6.63
N GLN B 84 15.85 15.87 -6.26
CA GLN B 84 16.68 14.88 -6.97
C GLN B 84 15.94 13.55 -7.06
N PRO B 85 14.74 13.53 -7.66
CA PRO B 85 13.85 12.36 -7.52
C PRO B 85 14.53 11.00 -7.68
N ASP B 86 15.17 10.78 -8.82
CA ASP B 86 15.77 9.48 -9.06
C ASP B 86 17.07 9.31 -8.27
N TYR B 87 17.77 10.40 -7.95
CA TYR B 87 18.95 10.26 -7.11
C TYR B 87 18.57 9.93 -5.67
N PHE B 88 17.55 10.61 -5.14
CA PHE B 88 17.06 10.27 -3.80
C PHE B 88 16.59 8.82 -3.75
N SER B 89 15.85 8.39 -4.77
CA SER B 89 15.21 7.07 -4.72
C SER B 89 16.23 5.95 -4.94
N GLU B 90 17.19 6.14 -5.85
CA GLU B 90 18.09 5.07 -6.22
C GLU B 90 19.33 4.97 -5.33
N VAL B 91 19.74 6.03 -4.65
CA VAL B 91 21.00 5.94 -3.92
C VAL B 91 20.80 6.29 -2.45
N LYS B 92 19.88 7.21 -2.16
CA LYS B 92 19.82 7.79 -0.83
C LYS B 92 18.84 7.05 0.09
N GLN B 93 17.74 6.54 -0.46
CA GLN B 93 16.75 5.82 0.33
C GLN B 93 17.37 4.60 1.01
N GLY B 94 18.04 3.75 0.22
CA GLY B 94 18.51 2.46 0.65
C GLY B 94 19.21 2.40 2.00
N PRO B 95 20.25 3.22 2.18
CA PRO B 95 20.99 3.16 3.45
C PRO B 95 20.17 3.60 4.66
N VAL B 96 19.23 4.52 4.50
CA VAL B 96 18.36 4.88 5.62
C VAL B 96 17.43 3.72 5.96
N ILE B 97 16.82 3.13 4.92
CA ILE B 97 15.93 1.98 5.12
C ILE B 97 16.67 0.86 5.82
N GLN B 98 17.91 0.59 5.41
CA GLN B 98 18.68 -0.48 6.03
C GLN B 98 19.02 -0.15 7.48
N GLU B 99 19.35 1.10 7.78
CA GLU B 99 19.56 1.50 9.16
C GLU B 99 18.30 1.26 9.99
N ALA B 100 17.13 1.57 9.43
CA ALA B 100 15.88 1.35 10.14
C ALA B 100 15.64 -0.12 10.41
N ARG B 101 15.93 -0.98 9.43
CA ARG B 101 15.76 -2.42 9.62
C ARG B 101 16.66 -2.94 10.73
N ARG B 102 17.90 -2.45 10.80
CA ARG B 102 18.82 -2.87 11.85
C ARG B 102 18.33 -2.44 13.22
N GLU B 103 17.71 -1.25 13.31
CA GLU B 103 17.24 -0.77 14.60
C GLU B 103 15.98 -1.50 15.04
N VAL B 104 15.07 -1.77 14.09
CA VAL B 104 13.89 -2.57 14.41
C VAL B 104 14.31 -3.97 14.87
N ALA B 105 15.25 -4.58 14.14
CA ALA B 105 15.74 -5.91 14.50
C ALA B 105 16.32 -5.93 15.90
N GLN B 106 17.04 -4.88 16.30
CA GLN B 106 17.63 -4.84 17.64
C GLN B 106 16.57 -4.61 18.70
N LEU B 107 15.59 -3.74 18.42
CA LEU B 107 14.48 -3.53 19.34
C LEU B 107 13.71 -4.81 19.61
N LEU B 108 13.67 -5.71 18.63
CA LEU B 108 12.95 -6.97 18.73
C LEU B 108 13.79 -8.13 19.24
N HIS B 109 15.11 -7.94 19.35
CA HIS B 109 16.05 -9.04 19.59
C HIS B 109 15.94 -10.08 18.47
N ALA B 110 16.03 -9.61 17.24
CA ALA B 110 15.99 -10.45 16.05
C ALA B 110 17.18 -10.13 15.16
N ARG B 111 17.48 -11.05 14.26
CA ARG B 111 18.49 -10.77 13.24
C ARG B 111 17.90 -9.85 12.18
N VAL B 112 18.77 -9.03 11.59
CA VAL B 112 18.33 -8.11 10.54
C VAL B 112 17.67 -8.88 9.40
N SER B 113 18.27 -10.00 9.00
CA SER B 113 17.78 -10.78 7.87
C SER B 113 16.44 -11.46 8.15
N GLU B 114 15.88 -11.30 9.34
CA GLU B 114 14.56 -11.83 9.66
C GLU B 114 13.49 -10.74 9.72
N CYS B 115 13.86 -9.48 9.52
CA CYS B 115 12.93 -8.36 9.64
C CYS B 115 12.88 -7.59 8.33
N VAL B 116 11.70 -7.59 7.71
CA VAL B 116 11.48 -6.87 6.46
C VAL B 116 10.34 -5.89 6.66
N PHE B 117 10.28 -4.90 5.77
CA PHE B 117 9.31 -3.82 5.87
C PHE B 117 8.17 -4.03 4.88
N ILE B 118 6.96 -3.66 5.32
CA ILE B 118 5.74 -3.76 4.54
C ILE B 118 4.89 -2.54 4.89
N SER B 119 3.84 -2.29 4.09
CA SER B 119 3.08 -1.06 4.27
C SER B 119 2.25 -1.08 5.55
N ASN B 120 1.43 -2.12 5.75
CA ASN B 120 0.58 -2.18 6.92
C ASN B 120 0.46 -3.61 7.41
N ALA B 121 -0.08 -3.74 8.63
CA ALA B 121 -0.13 -5.05 9.30
C ALA B 121 -1.05 -6.01 8.55
N THR B 122 -2.17 -5.51 8.04
CA THR B 122 -3.06 -6.36 7.25
C THR B 122 -2.31 -6.99 6.08
N THR B 123 -1.47 -6.20 5.40
CA THR B 123 -0.68 -6.73 4.30
C THR B 123 0.28 -7.80 4.79
N GLY B 124 0.91 -7.58 5.95
CA GLY B 124 1.87 -8.54 6.45
C GLY B 124 1.23 -9.84 6.89
N ILE B 125 0.09 -9.76 7.57
CA ILE B 125 -0.62 -10.96 7.98
C ILE B 125 -1.08 -11.74 6.75
N TYR B 126 -1.63 -11.03 5.76
CA TYR B 126 -2.12 -11.70 4.56
C TYR B 126 -0.99 -12.27 3.73
N THR B 127 0.17 -11.60 3.69
CA THR B 127 1.32 -12.14 2.97
C THR B 127 1.72 -13.51 3.51
N VAL B 128 1.70 -13.66 4.84
CA VAL B 128 2.03 -14.96 5.43
C VAL B 128 0.96 -15.99 5.11
N LEU B 129 -0.32 -15.64 5.34
CA LEU B 129 -1.41 -16.56 5.07
C LEU B 129 -1.41 -17.02 3.62
N HIS B 130 -1.17 -16.08 2.69
CA HIS B 130 -1.26 -16.41 1.27
C HIS B 130 -0.10 -17.30 0.82
N ASN B 131 1.06 -17.18 1.48
CA ASN B 131 2.24 -17.94 1.05
C ASN B 131 2.21 -19.39 1.54
N ILE B 132 1.56 -19.65 2.68
CA ILE B 132 1.59 -20.98 3.29
C ILE B 132 0.73 -21.95 2.48
N PRO B 133 1.29 -23.08 2.02
CA PRO B 133 0.47 -24.09 1.34
C PRO B 133 -0.37 -24.88 2.33
N PHE B 134 -1.69 -24.76 2.22
CA PHE B 134 -2.63 -25.51 3.04
C PHE B 134 -3.27 -26.59 2.19
N ASP B 135 -3.33 -27.82 2.72
CA ASP B 135 -4.27 -28.75 2.09
C ASP B 135 -5.60 -28.85 2.83
N LYS B 136 -6.42 -29.78 2.32
CA LYS B 136 -7.82 -29.99 2.73
C LYS B 136 -7.94 -30.58 4.13
N ASP B 137 -6.87 -31.16 4.66
CA ASP B 137 -6.89 -31.70 6.02
C ASP B 137 -6.19 -30.79 7.01
N ASP B 138 -5.74 -29.61 6.58
CA ASP B 138 -5.19 -28.62 7.48
C ASP B 138 -6.29 -27.74 8.03
N VAL B 139 -6.09 -27.24 9.26
CA VAL B 139 -7.04 -26.36 9.92
C VAL B 139 -6.33 -25.11 10.38
N ILE B 140 -6.94 -23.95 10.14
CA ILE B 140 -6.47 -22.67 10.66
C ILE B 140 -7.34 -22.30 11.86
N ILE B 141 -6.69 -22.07 13.00
CA ILE B 141 -7.40 -21.76 14.24
C ILE B 141 -7.40 -20.25 14.44
N THR B 142 -8.59 -19.70 14.72
CA THR B 142 -8.76 -18.30 15.07
C THR B 142 -9.49 -18.21 16.40
N PHE B 143 -9.76 -16.98 16.85
CA PHE B 143 -10.44 -16.72 18.10
C PHE B 143 -11.57 -15.74 17.85
N SER B 144 -12.46 -15.62 18.85
CA SER B 144 -13.50 -14.58 18.78
C SER B 144 -12.88 -13.20 18.64
N THR B 145 -11.63 -13.03 19.06
CA THR B 145 -10.96 -11.74 19.11
C THR B 145 -10.14 -11.43 17.86
N THR B 146 -10.04 -12.37 16.92
CA THR B 146 -9.27 -12.14 15.71
C THR B 146 -9.80 -10.92 14.96
N TYR B 147 -8.86 -10.09 14.48
CA TYR B 147 -9.21 -8.92 13.67
C TYR B 147 -10.09 -9.32 12.50
N GLY B 148 -11.16 -8.57 12.29
CA GLY B 148 -12.15 -8.93 11.29
C GLY B 148 -11.59 -9.02 9.89
N ALA B 149 -10.58 -8.20 9.58
CA ALA B 149 -9.96 -8.29 8.27
C ALA B 149 -9.27 -9.62 8.07
N ILE B 150 -8.76 -10.23 9.15
CA ILE B 150 -8.12 -11.54 9.04
C ILE B 150 -9.16 -12.61 8.76
N ASP B 151 -10.29 -12.56 9.47
CA ASP B 151 -11.39 -13.51 9.21
C ASP B 151 -11.80 -13.46 7.75
N ASN B 152 -11.92 -12.25 7.19
CA ASN B 152 -12.32 -12.11 5.79
C ASN B 152 -11.27 -12.74 4.86
N ALA B 153 -9.99 -12.50 5.13
CA ALA B 153 -8.94 -13.11 4.34
C ALA B 153 -9.05 -14.63 4.36
N ILE B 154 -9.28 -15.19 5.55
CA ILE B 154 -9.43 -16.64 5.66
C ILE B 154 -10.67 -17.11 4.92
N ALA B 155 -11.77 -16.36 5.03
CA ALA B 155 -12.96 -16.69 4.25
C ALA B 155 -12.67 -16.59 2.75
N SER B 156 -12.07 -15.49 2.32
CA SER B 156 -11.72 -15.32 0.90
C SER B 156 -10.87 -16.48 0.40
N MET B 157 -9.86 -16.86 1.17
CA MET B 157 -8.92 -17.89 0.73
C MET B 157 -9.57 -19.26 0.63
N ALA B 158 -10.63 -19.51 1.40
CA ALA B 158 -11.24 -20.83 1.39
C ALA B 158 -12.11 -21.08 0.16
N GLU B 159 -12.56 -20.03 -0.51
CA GLU B 159 -13.28 -20.19 -1.77
C GLU B 159 -12.44 -20.87 -2.83
N THR B 160 -11.11 -20.76 -2.70
CA THR B 160 -10.14 -21.28 -3.64
C THR B 160 -9.22 -22.38 -3.09
N GLN B 161 -9.10 -22.51 -1.77
CA GLN B 161 -8.31 -23.58 -1.19
C GLN B 161 -9.18 -24.45 -0.28
N PRO B 162 -8.87 -25.73 -0.13
CA PRO B 162 -9.80 -26.67 0.52
C PRO B 162 -9.65 -26.81 2.03
N PHE B 163 -8.87 -25.96 2.69
CA PHE B 163 -8.65 -26.10 4.12
C PHE B 163 -9.92 -25.74 4.91
N GLN B 164 -9.91 -26.08 6.19
CA GLN B 164 -10.95 -25.68 7.11
C GLN B 164 -10.38 -24.78 8.20
N THR B 165 -11.28 -24.11 8.91
CA THR B 165 -10.90 -23.21 9.99
C THR B 165 -11.79 -23.45 11.20
N ARG B 166 -11.25 -23.19 12.38
CA ARG B 166 -11.99 -23.29 13.64
C ARG B 166 -11.75 -22.06 14.48
N LYS B 167 -12.80 -21.58 15.14
CA LYS B 167 -12.74 -20.38 15.96
C LYS B 167 -12.88 -20.76 17.43
N VAL B 168 -11.85 -20.45 18.22
CA VAL B 168 -11.94 -20.63 19.67
C VAL B 168 -12.85 -19.54 20.23
N THR B 169 -13.82 -19.93 21.04
CA THR B 169 -14.71 -18.96 21.65
C THR B 169 -13.99 -18.21 22.77
N VAL B 170 -14.00 -16.89 22.68
CA VAL B 170 -13.43 -16.01 23.70
C VAL B 170 -14.44 -14.91 23.96
N ASP B 171 -15.05 -14.93 25.14
CA ASP B 171 -16.13 -14.02 25.53
C ASP B 171 -15.62 -13.14 26.65
N LEU B 172 -14.90 -12.08 26.28
CA LEU B 172 -14.30 -11.20 27.28
C LEU B 172 -15.38 -10.54 28.13
N PRO B 173 -15.12 -10.33 29.43
CA PRO B 173 -13.86 -10.66 30.12
C PRO B 173 -13.68 -12.14 30.45
N MET B 174 -12.47 -12.64 30.25
CA MET B 174 -12.06 -13.96 30.71
C MET B 174 -10.67 -13.85 31.33
N ARG B 175 -10.24 -14.92 31.97
CA ARG B 175 -8.86 -15.03 32.43
C ARG B 175 -8.02 -15.63 31.31
N GLY B 176 -6.77 -15.16 31.21
CA GLY B 176 -5.92 -15.59 30.11
C GLY B 176 -5.69 -17.09 30.11
N GLU B 177 -5.56 -17.68 31.29
CA GLU B 177 -5.28 -19.12 31.37
C GLU B 177 -6.45 -19.94 30.86
N ASP B 178 -7.68 -19.45 30.99
CA ASP B 178 -8.81 -20.15 30.40
C ASP B 178 -8.83 -20.01 28.89
N ILE B 179 -8.32 -18.90 28.35
CA ILE B 179 -8.17 -18.78 26.91
C ILE B 179 -7.20 -19.83 26.39
N VAL B 180 -6.06 -20.00 27.09
CA VAL B 180 -5.09 -21.01 26.70
C VAL B 180 -5.70 -22.41 26.79
N ALA B 181 -6.46 -22.67 27.86
CA ALA B 181 -7.07 -23.98 28.03
C ALA B 181 -8.00 -24.32 26.88
N ARG B 182 -8.78 -23.36 26.41
CA ARG B 182 -9.68 -23.62 25.29
C ARG B 182 -8.90 -23.81 23.99
N PHE B 183 -7.83 -23.04 23.79
CA PHE B 183 -7.00 -23.22 22.60
C PHE B 183 -6.42 -24.63 22.56
N GLU B 184 -5.84 -25.07 23.68
CA GLU B 184 -5.28 -26.43 23.73
C GLU B 184 -6.37 -27.47 23.53
N GLY B 185 -7.59 -27.21 24.02
CA GLY B 185 -8.69 -28.12 23.78
C GLY B 185 -9.10 -28.18 22.33
N MET B 186 -9.09 -27.03 21.64
CA MET B 186 -9.43 -27.02 20.23
C MET B 186 -8.40 -27.80 19.40
N VAL B 187 -7.13 -27.67 19.76
CA VAL B 187 -6.07 -28.41 19.06
C VAL B 187 -6.30 -29.91 19.20
N ALA B 188 -6.63 -30.37 20.41
CA ALA B 188 -6.84 -31.80 20.62
C ALA B 188 -8.10 -32.28 19.92
N GLN B 189 -9.18 -31.48 19.98
CA GLN B 189 -10.40 -31.80 19.26
C GLN B 189 -10.14 -31.96 17.77
N ILE B 190 -9.35 -31.05 17.20
CA ILE B 190 -9.06 -31.09 15.77
C ILE B 190 -8.34 -32.39 15.41
N LYS B 191 -7.27 -32.71 16.16
CA LYS B 191 -6.60 -34.00 15.97
C LYS B 191 -7.56 -35.16 16.16
N ALA B 192 -8.53 -35.02 17.06
CA ALA B 192 -9.46 -36.11 17.33
C ALA B 192 -10.31 -36.45 16.10
N GLU B 193 -10.52 -35.47 15.22
CA GLU B 193 -11.27 -35.69 13.98
C GLU B 193 -10.40 -36.16 12.84
N GLY B 194 -9.12 -36.44 13.09
CA GLY B 194 -8.22 -36.81 12.04
C GLY B 194 -7.75 -35.67 11.16
N LEU B 195 -7.94 -34.43 11.60
CA LEU B 195 -7.47 -33.26 10.87
C LEU B 195 -6.15 -32.79 11.47
N HIS B 196 -5.57 -31.76 10.87
CA HIS B 196 -4.24 -31.28 11.25
C HIS B 196 -4.29 -29.81 11.64
N PRO B 197 -4.11 -29.48 12.92
CA PRO B 197 -4.06 -28.06 13.30
C PRO B 197 -2.79 -27.39 12.78
N ARG B 198 -2.90 -26.70 11.66
CA ARG B 198 -1.72 -26.22 10.94
C ARG B 198 -1.20 -24.89 11.47
N LEU B 199 -2.07 -23.90 11.63
CA LEU B 199 -1.63 -22.56 12.01
C LEU B 199 -2.72 -21.91 12.87
N ALA B 200 -2.28 -21.08 13.80
CA ALA B 200 -3.16 -20.31 14.67
C ALA B 200 -2.87 -18.83 14.53
N VAL B 201 -3.92 -18.03 14.39
CA VAL B 201 -3.79 -16.58 14.37
C VAL B 201 -3.91 -16.07 15.80
N LEU B 202 -2.80 -15.63 16.36
CA LEU B 202 -2.77 -14.97 17.65
C LEU B 202 -2.63 -13.47 17.46
N GLU B 203 -2.98 -12.71 18.49
CA GLU B 203 -2.72 -11.28 18.56
C GLU B 203 -2.10 -10.94 19.91
N THR B 204 -1.31 -9.86 19.91
CA THR B 204 -0.84 -9.28 21.16
C THR B 204 -1.95 -8.49 21.83
N ILE B 205 -2.53 -7.54 21.10
CA ILE B 205 -3.59 -6.67 21.60
C ILE B 205 -4.80 -6.85 20.70
N VAL B 206 -5.95 -7.15 21.30
CA VAL B 206 -7.19 -7.14 20.54
C VAL B 206 -7.47 -5.71 20.10
N SER B 207 -7.96 -5.56 18.86
CA SER B 207 -8.24 -4.22 18.34
C SER B 207 -9.27 -3.50 19.19
N ILE B 208 -10.46 -4.07 19.28
CA ILE B 208 -11.57 -3.46 20.00
C ILE B 208 -12.56 -4.58 20.33
N PRO B 209 -12.91 -4.80 21.61
CA PRO B 209 -12.40 -4.12 22.81
C PRO B 209 -10.96 -4.51 23.11
N ALA B 210 -10.18 -3.61 23.68
CA ALA B 210 -8.72 -3.70 23.67
C ALA B 210 -8.19 -4.21 25.00
N ILE B 211 -7.62 -5.42 24.98
CA ILE B 211 -6.84 -6.00 26.07
C ILE B 211 -5.59 -6.66 25.51
N ARG B 212 -4.65 -6.90 26.41
CA ARG B 212 -3.47 -7.71 26.08
C ARG B 212 -3.80 -9.19 26.25
N MET B 213 -3.64 -9.96 25.18
CA MET B 213 -3.95 -11.37 25.18
C MET B 213 -2.76 -12.18 25.71
N PRO B 214 -2.99 -13.40 26.21
CA PRO B 214 -1.87 -14.23 26.66
C PRO B 214 -1.06 -14.81 25.51
N PHE B 215 -0.46 -13.93 24.70
CA PHE B 215 0.17 -14.43 23.47
C PHE B 215 1.42 -15.25 23.76
N GLU B 216 2.14 -14.93 24.84
CA GLU B 216 3.30 -15.73 25.20
C GLU B 216 2.90 -17.18 25.45
N SER B 217 1.86 -17.40 26.25
CA SER B 217 1.41 -18.76 26.53
C SER B 217 0.85 -19.44 25.29
N LEU B 218 0.12 -18.69 24.46
CA LEU B 218 -0.45 -19.29 23.25
C LEU B 218 0.64 -19.69 22.26
N VAL B 219 1.70 -18.88 22.15
CA VAL B 219 2.83 -19.27 21.31
C VAL B 219 3.49 -20.54 21.85
N GLN B 220 3.67 -20.61 23.17
CA GLN B 220 4.27 -21.80 23.77
C GLN B 220 3.41 -23.03 23.51
N ALA B 221 2.09 -22.90 23.66
CA ALA B 221 1.20 -24.01 23.37
C ALA B 221 1.28 -24.41 21.90
N CYS B 222 1.42 -23.43 21.01
CA CYS B 222 1.50 -23.71 19.58
C CYS B 222 2.69 -24.61 19.25
N GLN B 223 3.84 -24.35 19.87
CA GLN B 223 5.02 -25.14 19.50
C GLN B 223 5.01 -26.51 20.17
N ARG B 224 4.43 -26.63 21.37
CA ARG B 224 4.24 -27.94 21.97
C ARG B 224 3.45 -28.86 21.05
N GLU B 225 2.43 -28.31 20.39
CA GLU B 225 1.54 -29.09 19.54
C GLU B 225 1.94 -29.06 18.07
N GLY B 226 2.99 -28.36 17.72
CA GLY B 226 3.40 -28.28 16.32
C GLY B 226 2.48 -27.43 15.47
N VAL B 227 1.98 -26.33 16.03
CA VAL B 227 1.13 -25.39 15.30
C VAL B 227 1.94 -24.14 15.01
N LEU B 228 1.89 -23.68 13.77
CA LEU B 228 2.55 -22.43 13.41
C LEU B 228 1.84 -21.26 14.08
N SER B 229 2.62 -20.44 14.78
CA SER B 229 2.09 -19.29 15.51
C SER B 229 2.26 -18.03 14.66
N LEU B 230 1.15 -17.54 14.11
CA LEU B 230 1.12 -16.28 13.39
C LEU B 230 0.59 -15.22 14.36
N VAL B 231 1.47 -14.32 14.79
CA VAL B 231 1.13 -13.33 15.80
C VAL B 231 0.78 -12.01 15.11
N ASP B 232 -0.48 -11.61 15.26
CA ASP B 232 -0.92 -10.27 14.88
C ASP B 232 -0.48 -9.33 16.00
N GLY B 233 0.74 -8.82 15.90
CA GLY B 233 1.20 -7.87 16.89
C GLY B 233 1.09 -6.45 16.39
N ALA B 234 -0.02 -6.13 15.72
CA ALA B 234 -0.25 -4.77 15.20
C ALA B 234 0.04 -3.72 16.26
N HIS B 235 -0.52 -3.91 17.46
CA HIS B 235 -0.12 -3.13 18.63
C HIS B 235 0.95 -3.93 19.37
N SER B 236 2.20 -3.47 19.32
CA SER B 236 3.26 -4.10 20.09
C SER B 236 4.51 -3.24 20.15
N ILE B 237 5.30 -3.23 19.08
CA ILE B 237 6.56 -2.48 19.07
C ILE B 237 6.30 -1.03 19.44
N GLY B 238 7.05 -0.54 20.42
CA GLY B 238 6.89 0.81 20.93
C GLY B 238 5.98 0.94 22.13
N GLN B 239 5.04 0.00 22.32
CA GLN B 239 4.10 0.08 23.43
C GLN B 239 4.56 -0.70 24.66
N PHE B 240 5.16 -1.86 24.45
CA PHE B 240 5.68 -2.66 25.56
C PHE B 240 6.86 -3.49 25.06
N SER B 241 7.55 -4.12 26.02
CA SER B 241 8.80 -4.81 25.71
C SER B 241 8.56 -6.07 24.89
N LEU B 242 9.45 -6.32 23.94
CA LEU B 242 9.40 -7.49 23.09
C LEU B 242 10.77 -8.14 23.01
N ASN B 243 10.77 -9.46 22.90
CA ASN B 243 12.01 -10.24 22.75
C ASN B 243 11.64 -11.49 21.94
N LEU B 244 11.78 -11.38 20.62
CA LEU B 244 11.45 -12.50 19.74
C LEU B 244 12.47 -13.63 19.84
N GLU B 245 13.67 -13.33 20.31
CA GLU B 245 14.65 -14.37 20.57
C GLU B 245 14.17 -15.30 21.68
N VAL B 246 13.41 -14.76 22.64
CA VAL B 246 12.78 -15.60 23.66
C VAL B 246 11.42 -16.10 23.19
N LEU B 247 10.58 -15.21 22.67
CA LEU B 247 9.23 -15.59 22.28
C LEU B 247 9.23 -16.66 21.19
N GLN B 248 10.13 -16.53 20.22
CA GLN B 248 10.27 -17.44 19.09
C GLN B 248 8.98 -17.65 18.30
N PRO B 249 8.21 -16.60 17.99
CA PRO B 249 7.00 -16.82 17.21
C PRO B 249 7.34 -17.29 15.80
N ASP B 250 6.41 -18.01 15.18
CA ASP B 250 6.65 -18.48 13.82
C ASP B 250 6.57 -17.33 12.82
N PHE B 251 5.71 -16.34 13.07
CA PHE B 251 5.65 -15.10 12.31
C PHE B 251 5.12 -14.02 13.24
N PHE B 252 5.63 -12.79 13.06
CA PHE B 252 5.23 -11.68 13.92
C PHE B 252 5.12 -10.41 13.08
N ILE B 253 3.94 -9.81 13.10
CA ILE B 253 3.61 -8.64 12.29
C ILE B 253 3.26 -7.49 13.21
N MET B 254 3.75 -6.30 12.90
CA MET B 254 3.58 -5.15 13.78
C MET B 254 3.36 -3.90 12.94
N ASP B 255 2.55 -2.99 13.46
CA ASP B 255 2.41 -1.65 12.92
C ASP B 255 3.35 -0.73 13.70
N CYS B 256 4.44 -0.30 13.06
CA CYS B 256 5.35 0.62 13.73
C CYS B 256 4.66 1.96 14.01
N HIS B 257 3.74 2.38 13.14
CA HIS B 257 3.12 3.69 13.31
C HIS B 257 2.19 3.76 14.52
N TRP B 259 2.70 2.78 17.55
CA TRP B 259 3.33 3.07 18.84
C TRP B 259 4.82 3.48 18.83
N LEU B 260 5.44 3.62 17.67
CA LEU B 260 6.87 3.95 17.59
C LEU B 260 7.16 5.37 17.11
N PHE B 261 6.16 6.27 17.10
CA PHE B 261 6.37 7.69 16.81
C PHE B 261 6.75 7.93 15.34
N VAL B 262 6.16 7.18 14.42
CA VAL B 262 6.31 7.43 12.99
C VAL B 262 4.92 7.46 12.36
N PRO B 263 4.78 8.14 11.21
CA PRO B 263 3.45 8.26 10.61
C PRO B 263 2.98 6.98 9.94
N ARG B 264 1.66 6.84 9.87
CA ARG B 264 1.07 5.73 9.15
C ARG B 264 1.25 5.92 7.64
N PRO B 265 1.32 4.83 6.87
CA PRO B 265 1.38 3.43 7.32
C PRO B 265 2.82 2.97 7.47
N CYS B 266 3.10 2.14 8.47
CA CYS B 266 4.48 1.71 8.70
C CYS B 266 4.45 0.40 9.48
N ALA B 267 4.68 -0.69 8.77
CA ALA B 267 4.64 -2.02 9.36
C ALA B 267 5.95 -2.75 9.11
N ALA B 268 6.16 -3.81 9.90
CA ALA B 268 7.29 -4.69 9.72
C ALA B 268 6.83 -6.12 9.92
N LEU B 269 7.54 -7.05 9.30
CA LEU B 269 7.24 -8.48 9.37
C LEU B 269 8.49 -9.22 9.80
N TYR B 270 8.36 -10.05 10.83
CA TYR B 270 9.44 -10.87 11.33
C TYR B 270 9.15 -12.32 10.94
N VAL B 271 10.10 -12.94 10.24
CA VAL B 271 10.01 -14.35 9.89
C VAL B 271 11.33 -15.00 10.27
N PRO B 272 11.36 -15.92 11.24
CA PRO B 272 12.61 -16.56 11.62
C PRO B 272 13.19 -17.34 10.46
N GLU B 273 14.50 -17.55 10.52
CA GLU B 273 15.20 -18.27 9.45
C GLU B 273 14.52 -19.59 9.12
N ARG B 274 14.07 -20.32 10.15
CA ARG B 274 13.51 -21.65 9.93
C ARG B 274 12.23 -21.63 9.13
N ASN B 275 11.57 -20.48 9.01
CA ASN B 275 10.29 -20.40 8.32
C ASN B 275 10.32 -19.58 7.04
N GLN B 276 11.49 -19.09 6.63
CA GLN B 276 11.54 -18.23 5.46
C GLN B 276 11.33 -18.99 4.15
N HIS B 277 11.53 -20.31 4.14
CA HIS B 277 11.22 -21.12 2.97
C HIS B 277 9.74 -21.05 2.59
N TYR B 278 8.87 -20.67 3.54
CA TYR B 278 7.45 -20.55 3.24
C TYR B 278 7.12 -19.35 2.38
N ILE B 279 7.93 -18.29 2.49
CA ILE B 279 7.61 -16.98 1.92
C ILE B 279 8.31 -16.85 0.58
N ARG B 280 7.54 -16.75 -0.50
CA ARG B 280 8.11 -16.63 -1.83
C ARG B 280 7.63 -15.41 -2.61
N SER B 281 6.63 -14.68 -2.11
CA SER B 281 6.11 -13.54 -2.85
C SER B 281 5.55 -12.51 -1.88
N THR B 282 5.69 -11.25 -2.27
CA THR B 282 4.93 -10.18 -1.64
C THR B 282 3.48 -10.23 -2.12
N ILE B 283 2.64 -9.44 -1.46
CA ILE B 283 1.27 -9.20 -1.90
C ILE B 283 1.13 -7.70 -2.13
N PRO B 284 0.91 -7.24 -3.37
CA PRO B 284 0.80 -8.05 -4.57
C PRO B 284 2.16 -8.57 -5.01
N PRO B 285 2.21 -9.66 -5.77
CA PRO B 285 3.49 -10.14 -6.28
C PRO B 285 4.17 -9.07 -7.13
N SER B 286 5.49 -9.10 -7.13
CA SER B 286 6.26 -8.15 -7.92
C SER B 286 7.53 -8.81 -8.43
N PHE B 287 8.58 -8.02 -8.64
CA PHE B 287 9.77 -8.55 -9.32
C PHE B 287 10.60 -9.48 -8.43
N GLY B 288 10.42 -9.42 -7.11
CA GLY B 288 11.17 -10.29 -6.22
C GLY B 288 10.65 -11.70 -6.11
N PHE B 289 9.56 -12.01 -6.81
CA PHE B 289 8.90 -13.31 -6.72
C PHE B 289 9.88 -14.46 -6.94
N ILE B 290 9.74 -15.51 -6.13
CA ILE B 290 10.58 -16.70 -6.19
C ILE B 290 9.74 -17.83 -6.79
N PRO B 291 10.01 -18.24 -8.02
CA PRO B 291 9.31 -19.42 -8.57
C PRO B 291 9.44 -20.61 -7.63
N ARG B 292 8.40 -21.44 -7.58
CA ARG B 292 8.42 -22.57 -6.66
C ARG B 292 9.59 -23.50 -6.96
N ASP B 293 9.99 -23.59 -8.22
CA ASP B 293 11.29 -24.16 -8.58
C ASP B 293 12.37 -23.62 -7.65
N GLY B 294 12.58 -22.30 -7.69
CA GLY B 294 13.42 -21.67 -6.68
C GLY B 294 14.40 -20.63 -7.16
N LYS B 295 14.34 -20.25 -8.43
CA LYS B 295 15.34 -19.35 -8.99
C LYS B 295 14.75 -17.96 -9.20
N PRO B 296 15.15 -16.95 -8.41
CA PRO B 296 14.70 -15.57 -8.64
C PRO B 296 15.54 -14.86 -9.69
N LEU B 298 16.06 -11.31 -11.63
CA LEU B 298 15.81 -9.89 -11.80
C LEU B 298 16.25 -9.42 -13.19
N PRO B 299 15.57 -8.41 -13.72
CA PRO B 299 15.91 -7.91 -15.06
C PRO B 299 17.17 -7.04 -15.00
N LEU B 300 17.52 -6.50 -16.17
CA LEU B 300 18.77 -5.76 -16.30
C LEU B 300 18.75 -4.48 -15.48
N TRP B 301 17.60 -3.80 -15.41
CA TRP B 301 17.58 -2.53 -14.69
C TRP B 301 17.90 -2.69 -13.21
N SER B 302 17.74 -3.90 -12.66
CA SER B 302 18.20 -4.15 -11.30
C SER B 302 19.71 -3.98 -11.18
N LYS B 303 20.44 -4.11 -12.29
CA LYS B 303 21.88 -3.87 -12.25
C LYS B 303 22.19 -2.41 -11.96
N GLN B 304 21.32 -1.52 -12.41
CA GLN B 304 21.48 -0.08 -12.22
C GLN B 304 21.49 0.27 -10.74
N THR B 315 20.30 -11.91 0.69
CA THR B 315 19.23 -12.86 0.94
C THR B 315 18.03 -12.82 0.00
N ASP B 316 17.70 -14.01 -0.52
CA ASP B 316 16.51 -14.18 -1.36
C ASP B 316 15.25 -13.74 -0.63
N PHE B 317 15.09 -14.14 0.64
CA PHE B 317 13.96 -13.69 1.43
C PHE B 317 13.89 -12.17 1.51
N GLU B 318 15.02 -11.52 1.80
CA GLU B 318 15.06 -10.06 1.85
C GLU B 318 14.83 -9.43 0.49
N THR B 319 15.22 -10.10 -0.58
CA THR B 319 15.06 -9.53 -1.91
C THR B 319 13.59 -9.47 -2.30
N ILE B 320 12.80 -10.47 -1.89
CA ILE B 320 11.36 -10.49 -2.09
C ILE B 320 10.75 -9.15 -1.72
N PHE B 321 11.21 -8.59 -0.61
CA PHE B 321 10.61 -7.38 -0.08
C PHE B 321 11.34 -6.11 -0.51
N ALA B 322 12.48 -6.24 -1.20
CA ALA B 322 13.15 -5.05 -1.73
C ALA B 322 12.62 -4.65 -3.10
N TYR B 323 12.18 -5.61 -3.91
CA TYR B 323 11.72 -5.36 -5.28
C TYR B 323 10.20 -5.49 -5.32
N VAL B 324 9.52 -4.39 -5.05
CA VAL B 324 8.07 -4.37 -4.89
C VAL B 324 7.49 -3.27 -5.78
N ALA B 325 6.16 -3.24 -5.84
CA ALA B 325 5.49 -2.20 -6.60
C ALA B 325 5.80 -0.82 -6.01
N THR B 326 5.62 0.21 -6.84
CA THR B 326 5.93 1.58 -6.44
C THR B 326 5.26 1.92 -5.12
N SER B 327 6.05 2.45 -4.19
CA SER B 327 5.54 2.74 -2.87
C SER B 327 6.37 3.86 -2.24
N ASP B 328 5.83 4.40 -1.15
CA ASP B 328 6.53 5.39 -0.34
C ASP B 328 7.25 4.69 0.80
N ASN B 329 8.45 5.18 1.12
CA ASN B 329 9.28 4.57 2.17
C ASN B 329 9.59 5.53 3.31
N MET B 330 9.09 6.74 3.27
CA MET B 330 9.59 7.73 4.23
C MET B 330 9.15 7.47 5.66
N PRO B 331 7.96 6.90 5.93
CA PRO B 331 7.68 6.48 7.31
C PRO B 331 8.72 5.53 7.89
N HIS B 332 9.07 4.47 7.16
CA HIS B 332 10.15 3.59 7.62
C HIS B 332 11.46 4.35 7.78
N MET B 333 11.68 5.35 6.92
CA MET B 333 12.91 6.15 6.99
C MET B 333 12.92 7.08 8.19
N CYS B 334 11.77 7.32 8.82
CA CYS B 334 11.72 8.13 10.02
C CYS B 334 12.00 7.33 11.28
N ILE B 335 12.15 6.01 11.15
CA ILE B 335 12.37 5.17 12.33
C ILE B 335 13.64 5.55 13.08
N PRO B 336 14.80 5.73 12.44
CA PRO B 336 15.97 6.17 13.22
C PRO B 336 15.77 7.48 13.95
N THR B 337 15.11 8.46 13.32
CA THR B 337 14.84 9.72 14.01
C THR B 337 13.92 9.52 15.20
N ALA B 338 12.88 8.71 15.03
CA ALA B 338 11.92 8.48 16.12
C ALA B 338 12.61 7.81 17.30
N LEU B 339 13.44 6.81 17.02
CA LEU B 339 14.08 6.05 18.10
C LEU B 339 15.12 6.88 18.83
N LYS B 340 15.78 7.81 18.13
CA LYS B 340 16.71 8.72 18.80
C LYS B 340 15.97 9.67 19.73
N PHE B 341 14.84 10.21 19.28
CA PHE B 341 14.01 11.04 20.15
C PHE B 341 13.61 10.27 21.41
N ARG B 342 13.26 8.99 21.24
CA ARG B 342 12.83 8.20 22.39
C ARG B 342 13.98 7.92 23.36
N ARG B 343 15.21 7.79 22.85
CA ARG B 343 16.36 7.61 23.73
C ARG B 343 16.76 8.92 24.39
N GLU B 344 16.86 9.99 23.61
CA GLU B 344 17.48 11.24 24.07
C GLU B 344 16.50 12.16 24.80
N VAL B 345 15.24 12.21 24.37
CA VAL B 345 14.27 13.12 24.96
C VAL B 345 13.43 12.41 26.01
N CYS B 346 13.12 11.13 25.75
CA CYS B 346 12.18 10.38 26.59
C CYS B 346 12.84 9.48 27.62
N GLY B 347 14.16 9.35 27.58
CA GLY B 347 14.84 8.50 28.55
C GLY B 347 14.88 7.04 28.19
N GLY B 348 14.47 6.66 26.98
CA GLY B 348 14.61 5.29 26.52
C GLY B 348 13.29 4.53 26.50
N GLU B 349 13.38 3.31 25.98
CA GLU B 349 12.19 2.51 25.71
C GLU B 349 11.48 2.10 26.99
N GLU B 350 12.21 1.51 27.95
CA GLU B 350 11.57 0.99 29.15
C GLU B 350 10.88 2.09 29.94
N ALA B 351 11.45 3.30 29.94
CA ALA B 351 10.81 4.42 30.61
C ALA B 351 9.50 4.78 29.94
N ILE B 352 9.43 4.67 28.62
CA ILE B 352 8.19 4.98 27.91
C ILE B 352 7.13 3.93 28.22
N TYR B 353 7.50 2.64 28.13
CA TYR B 353 6.53 1.58 28.38
C TYR B 353 5.93 1.70 29.78
N GLN B 354 6.75 1.99 30.78
CA GLN B 354 6.24 2.12 32.15
C GLN B 354 5.27 3.29 32.26
N TYR B 355 5.60 4.44 31.68
CA TYR B 355 4.68 5.57 31.73
C TYR B 355 3.36 5.26 31.06
N LEU B 356 3.42 4.60 29.89
CA LEU B 356 2.18 4.28 29.17
C LEU B 356 1.30 3.35 29.99
N ARG B 357 1.90 2.34 30.62
CA ARG B 357 1.11 1.36 31.37
C ARG B 357 0.51 1.99 32.63
N VAL B 358 1.30 2.79 33.36
CA VAL B 358 0.79 3.40 34.59
C VAL B 358 -0.29 4.42 34.26
N LEU B 359 -0.10 5.21 33.21
CA LEU B 359 -1.11 6.21 32.85
C LEU B 359 -2.40 5.54 32.40
N ALA B 360 -2.31 4.52 31.56
CA ALA B 360 -3.52 3.82 31.11
C ALA B 360 -4.25 3.19 32.29
N LYS B 361 -3.50 2.64 33.25
CA LYS B 361 -4.11 2.05 34.44
C LYS B 361 -4.83 3.11 35.27
N GLU B 362 -4.11 4.16 35.66
CA GLU B 362 -4.71 5.20 36.49
C GLU B 362 -5.74 5.99 35.71
N GLY B 363 -5.46 6.33 34.45
CA GLY B 363 -6.42 7.06 33.66
C GLY B 363 -7.67 6.24 33.37
N GLY B 364 -7.48 4.97 32.99
CA GLY B 364 -8.62 4.11 32.74
C GLY B 364 -9.52 3.97 33.95
N ASP B 365 -8.91 3.76 35.12
CA ASP B 365 -9.70 3.67 36.35
C ASP B 365 -10.48 4.95 36.62
N ARG B 366 -9.87 6.10 36.36
CA ARG B 366 -10.56 7.37 36.62
C ARG B 366 -11.73 7.58 35.68
N VAL B 367 -11.65 7.10 34.44
CA VAL B 367 -12.77 7.21 33.53
C VAL B 367 -13.91 6.29 33.98
N ALA B 368 -13.58 5.06 34.37
CA ALA B 368 -14.60 4.15 34.86
C ALA B 368 -15.31 4.70 36.09
N ALA B 369 -14.55 5.30 37.01
CA ALA B 369 -15.15 5.84 38.23
C ALA B 369 -16.11 6.97 37.92
N ILE B 370 -15.68 7.93 37.09
CA ILE B 370 -16.53 9.06 36.74
C ILE B 370 -17.80 8.59 36.05
N LEU B 371 -17.71 7.51 35.27
CA LEU B 371 -18.87 6.99 34.58
C LEU B 371 -19.72 6.06 35.45
N GLY B 372 -19.16 5.57 36.55
CA GLY B 372 -19.84 4.55 37.32
C GLY B 372 -19.90 3.22 36.62
N THR B 373 -18.94 2.94 35.74
CA THR B 373 -18.92 1.70 34.97
C THR B 373 -17.67 0.92 35.36
N GLU B 374 -16.82 0.55 34.41
CA GLU B 374 -15.74 -0.39 34.67
C GLU B 374 -14.76 -0.38 33.50
N VAL B 375 -13.55 -0.85 33.78
CA VAL B 375 -12.52 -1.06 32.77
C VAL B 375 -12.48 -2.56 32.45
N LEU B 376 -12.22 -2.88 31.18
CA LEU B 376 -12.12 -4.28 30.79
C LEU B 376 -10.84 -4.88 31.33
N ASP B 377 -10.98 -5.99 32.06
CA ASP B 377 -9.85 -6.76 32.58
C ASP B 377 -10.26 -8.22 32.54
N GLU B 378 -9.57 -9.08 33.30
CA GLU B 378 -9.80 -10.51 33.14
C GLU B 378 -10.96 -11.05 33.98
N LYS B 379 -11.75 -10.18 34.61
CA LYS B 379 -12.91 -10.66 35.37
C LYS B 379 -14.22 -10.36 34.65
N MET B 393 -3.55 -8.45 31.53
CA MET B 393 -4.34 -8.05 30.37
C MET B 393 -4.33 -6.54 30.18
N ARG B 394 -3.97 -5.81 31.24
CA ARG B 394 -3.78 -4.36 31.17
C ARG B 394 -2.32 -3.97 31.26
N ASP B 395 -1.41 -4.91 30.97
CA ASP B 395 0.02 -4.63 30.89
C ASP B 395 0.35 -4.01 29.53
N CYS B 396 -0.33 -2.90 29.25
CA CYS B 396 -0.19 -2.18 27.99
C CYS B 396 -0.57 -0.73 28.23
N GLY B 397 -0.59 0.06 27.16
CA GLY B 397 -0.92 1.47 27.28
C GLY B 397 -2.33 1.80 26.85
N ILE B 398 -3.23 0.83 26.99
CA ILE B 398 -4.61 0.96 26.55
C ILE B 398 -5.56 0.60 27.69
N ALA B 399 -6.68 1.30 27.75
CA ALA B 399 -7.79 0.93 28.62
C ALA B 399 -9.08 1.01 27.84
N THR B 400 -9.90 -0.03 27.95
CA THR B 400 -11.23 -0.06 27.33
C THR B 400 -12.26 0.08 28.44
N VAL B 401 -13.08 1.12 28.35
CA VAL B 401 -14.01 1.50 29.41
C VAL B 401 -15.43 1.38 28.88
N ARG B 402 -16.31 0.78 29.68
CA ARG B 402 -17.70 0.58 29.28
C ARG B 402 -18.49 1.88 29.41
N LEU B 403 -19.29 2.17 28.39
CA LEU B 403 -20.17 3.31 28.55
C LEU B 403 -21.50 2.86 29.16
N PRO B 404 -22.14 3.70 29.99
CA PRO B 404 -23.44 3.33 30.56
C PRO B 404 -24.57 3.34 29.54
N LEU B 405 -24.27 2.95 28.31
CA LEU B 405 -25.24 2.88 27.22
C LEU B 405 -25.47 1.42 26.85
N ALA B 406 -26.72 1.00 26.82
CA ALA B 406 -27.07 -0.38 26.57
C ALA B 406 -27.55 -0.60 25.15
N VAL B 407 -27.29 -1.78 24.62
CA VAL B 407 -27.72 -2.16 23.28
C VAL B 407 -28.20 -3.61 23.29
N ASP B 426 -30.05 -1.63 17.07
CA ASP B 426 -31.33 -1.22 16.50
C ASP B 426 -31.15 0.01 15.61
N GLU B 427 -32.26 0.64 15.25
CA GLU B 427 -32.19 1.85 14.42
C GLU B 427 -31.54 3.02 15.16
N GLU B 428 -31.49 2.96 16.49
CA GLU B 428 -31.01 4.09 17.28
C GLU B 428 -29.48 4.13 17.39
N VAL B 429 -28.82 2.97 17.34
CA VAL B 429 -27.42 2.91 17.73
C VAL B 429 -26.56 3.77 16.81
N GLY B 430 -26.80 3.69 15.50
CA GLY B 430 -26.04 4.44 14.54
C GLY B 430 -26.06 5.93 14.79
N PRO B 431 -27.25 6.53 14.78
CA PRO B 431 -27.34 7.98 15.08
C PRO B 431 -26.72 8.35 16.41
N ALA B 432 -26.98 7.59 17.47
CA ALA B 432 -26.42 7.92 18.78
C ALA B 432 -24.90 7.82 18.77
N VAL B 433 -24.37 6.78 18.13
CA VAL B 433 -22.92 6.65 17.95
C VAL B 433 -22.38 7.82 17.16
N HIS B 434 -23.11 8.27 16.14
CA HIS B 434 -22.65 9.36 15.30
C HIS B 434 -22.65 10.68 16.05
N TYR B 435 -23.66 10.91 16.90
CA TYR B 435 -23.68 12.15 17.69
C TYR B 435 -22.51 12.21 18.66
N LEU B 436 -22.30 11.13 19.41
CA LEU B 436 -21.15 11.06 20.32
C LEU B 436 -19.86 11.37 19.59
N SER B 437 -19.66 10.74 18.43
CA SER B 437 -18.40 10.90 17.71
C SER B 437 -18.17 12.34 17.28
N MET B 438 -19.13 12.93 16.56
CA MET B 438 -18.87 14.30 16.11
C MET B 438 -18.88 15.28 17.28
N THR B 439 -19.59 14.98 18.36
CA THR B 439 -19.52 15.85 19.52
C THR B 439 -18.11 15.86 20.10
N LEU B 440 -17.45 14.70 20.13
CA LEU B 440 -16.04 14.67 20.53
C LEU B 440 -15.17 15.36 19.50
N ALA B 441 -15.36 15.03 18.22
CA ALA B 441 -14.55 15.62 17.16
C ALA B 441 -14.80 17.13 17.04
N GLU B 442 -16.06 17.53 16.88
CA GLU B 442 -16.37 18.93 16.60
C GLU B 442 -16.26 19.80 17.84
N THR B 443 -16.77 19.33 18.98
CA THR B 443 -16.85 20.16 20.17
C THR B 443 -15.61 20.02 21.06
N HIS B 444 -15.19 18.79 21.38
CA HIS B 444 -14.19 18.56 22.40
C HIS B 444 -12.80 18.27 21.86
N LYS B 445 -12.66 18.17 20.53
CA LYS B 445 -11.35 18.13 19.87
C LYS B 445 -10.57 16.89 20.31
N THR B 446 -11.21 15.74 20.12
CA THR B 446 -10.67 14.43 20.43
C THR B 446 -11.44 13.45 19.55
N TRP B 447 -11.11 12.17 19.69
CA TRP B 447 -11.79 11.12 18.95
C TRP B 447 -11.51 9.80 19.66
N LEU B 448 -12.53 8.95 19.73
CA LEU B 448 -12.43 7.67 20.41
C LEU B 448 -13.16 6.61 19.61
N PRO B 449 -12.56 5.43 19.45
CA PRO B 449 -13.26 4.34 18.76
C PRO B 449 -14.29 3.66 19.65
N LEU B 450 -15.39 3.25 19.03
CA LEU B 450 -16.52 2.64 19.73
C LEU B 450 -16.74 1.21 19.25
N ILE B 451 -17.27 0.37 20.14
CA ILE B 451 -17.72 -0.97 19.76
C ILE B 451 -18.88 -1.38 20.64
N ASP B 452 -19.74 -2.21 20.08
CA ASP B 452 -20.76 -2.92 20.84
C ASP B 452 -20.18 -4.25 21.33
N HIS B 453 -20.27 -4.49 22.64
CA HIS B 453 -19.85 -5.76 23.19
C HIS B 453 -20.62 -6.04 24.47
N GLY B 454 -21.12 -7.26 24.58
CA GLY B 454 -21.83 -7.67 25.78
C GLY B 454 -23.02 -6.79 26.14
N GLY B 455 -23.82 -6.40 25.15
CA GLY B 455 -24.99 -5.59 25.40
C GLY B 455 -24.72 -4.14 25.73
N TYR B 456 -23.47 -3.73 25.84
CA TYR B 456 -23.13 -2.35 26.14
C TYR B 456 -22.19 -1.81 25.05
N ILE B 457 -21.95 -0.51 25.11
CA ILE B 457 -21.01 0.15 24.22
C ILE B 457 -19.75 0.47 25.02
N TRP B 458 -18.60 0.08 24.47
CA TRP B 458 -17.31 0.33 25.09
C TRP B 458 -16.50 1.32 24.28
N VAL B 459 -15.60 2.01 24.95
CA VAL B 459 -14.71 2.97 24.31
C VAL B 459 -13.28 2.57 24.60
N ARG B 460 -12.40 2.80 23.62
CA ARG B 460 -10.98 2.51 23.78
C ARG B 460 -10.21 3.81 23.96
N LEU B 461 -9.42 3.88 25.03
CA LEU B 461 -8.56 5.02 25.33
C LEU B 461 -7.11 4.58 25.27
N CYS B 462 -6.26 5.41 24.66
CA CYS B 462 -4.85 5.10 24.52
C CYS B 462 -4.03 6.17 25.23
N ALA B 463 -3.30 5.75 26.27
CA ALA B 463 -2.34 6.63 26.90
C ALA B 463 -1.18 6.92 25.94
N GLN B 464 -0.51 8.04 26.18
CA GLN B 464 0.65 8.43 25.39
C GLN B 464 1.43 9.47 26.18
N ILE B 465 2.74 9.55 25.90
CA ILE B 465 3.66 10.24 26.80
C ILE B 465 3.41 11.73 26.92
N TYR B 466 2.60 12.32 26.05
CA TYR B 466 2.25 13.73 26.18
C TYR B 466 0.91 13.95 26.87
N LEU B 467 0.29 12.89 27.37
CA LEU B 467 -0.93 12.97 28.15
C LEU B 467 -0.62 12.78 29.63
N ASP B 468 -1.56 13.18 30.47
CA ASP B 468 -1.46 12.97 31.90
C ASP B 468 -2.82 12.55 32.44
N THR B 469 -2.88 12.27 33.74
CA THR B 469 -4.11 11.78 34.34
C THR B 469 -5.24 12.80 34.28
N SER B 470 -4.92 14.09 34.18
CA SER B 470 -5.98 15.10 34.04
C SER B 470 -6.68 14.99 32.69
N ASP B 471 -5.94 14.62 31.63
CA ASP B 471 -6.57 14.38 30.34
C ASP B 471 -7.63 13.28 30.45
N PHE B 472 -7.37 12.26 31.28
CA PHE B 472 -8.30 11.15 31.40
C PHE B 472 -9.53 11.48 32.24
N GLU B 473 -9.37 12.26 33.32
CA GLU B 473 -10.57 12.73 34.01
C GLU B 473 -11.35 13.75 33.21
N TRP B 474 -10.69 14.48 32.31
CA TRP B 474 -11.41 15.34 31.38
C TRP B 474 -12.35 14.50 30.50
N ILE B 475 -11.77 13.52 29.80
CA ILE B 475 -12.59 12.70 28.90
C ILE B 475 -13.67 11.96 29.68
N GLY B 476 -13.36 11.54 30.90
CA GLY B 476 -14.37 10.90 31.72
C GLY B 476 -15.58 11.79 31.94
N ASN B 477 -15.34 13.02 32.38
CA ASN B 477 -16.43 13.98 32.56
C ASN B 477 -17.13 14.26 31.22
N VAL B 478 -16.35 14.46 30.16
CA VAL B 478 -16.94 14.72 28.85
C VAL B 478 -17.85 13.58 28.44
N LEU B 479 -17.32 12.35 28.49
CA LEU B 479 -18.12 11.18 28.13
C LEU B 479 -19.32 11.02 29.05
N LYS B 480 -19.14 11.29 30.34
CA LYS B 480 -20.27 11.26 31.26
C LYS B 480 -21.42 12.10 30.75
N GLU B 481 -21.11 13.17 30.02
CA GLU B 481 -22.09 14.22 30.04
C GLU B 481 -22.96 13.99 28.82
N ILE B 482 -22.27 13.40 27.82
CA ILE B 482 -22.75 12.98 26.51
C ILE B 482 -23.63 11.76 26.62
N CYS B 483 -23.19 10.78 27.41
CA CYS B 483 -24.05 9.63 27.71
C CYS B 483 -25.36 10.08 28.32
N GLU B 484 -25.30 11.02 29.27
CA GLU B 484 -26.50 11.61 29.84
C GLU B 484 -27.40 12.17 28.74
N THR B 485 -26.83 12.92 27.80
CA THR B 485 -27.61 13.50 26.70
C THR B 485 -28.33 12.42 25.92
N ILE B 486 -27.61 11.36 25.51
CA ILE B 486 -28.22 10.30 24.72
C ILE B 486 -29.31 9.59 25.51
N GLY B 487 -29.06 9.34 26.80
CA GLY B 487 -30.06 8.72 27.65
C GLY B 487 -31.21 9.64 28.00
#